data_9KZK
#
_entry.id   9KZK
#
_cell.length_a   1.00
_cell.length_b   1.00
_cell.length_c   1.00
_cell.angle_alpha   90.00
_cell.angle_beta   90.00
_cell.angle_gamma   90.00
#
_symmetry.space_group_name_H-M   'P 1'
#
loop_
_entity.id
_entity.type
_entity.pdbx_description
1 polymer 'Guanine nucleotide-binding protein G(o) subunit alpha'
2 polymer 'Guanine nucleotide-binding protein G(I)/G(S)/G(T) subunit beta-1'
3 polymer 'C3a anaphylatoxin'
4 polymer 'Muscarinic acetylcholine receptor M4,C3a anaphylatoxin chemotactic receptor'
5 polymer 'Guanine nucleotide-binding protein G(I)/G(S)/G(O) subunit gamma-2'
6 polymer 'Antibody fragment - ScFv16'
#
loop_
_entity_poly.entity_id
_entity_poly.type
_entity_poly.pdbx_seq_one_letter_code
_entity_poly.pdbx_strand_id
1 'polypeptide(L)'
;MGHHHHHHENLYFQGTLSAEERAALERSKAIEKNLKEDGISAAKDVKLLLLGADNSGKSTIVKQMKIIHGGSGGSGGTTG
IVETHFTFKNLHFRLFDVGGQRSERKKWIHCFEDVTAIIFCVDLSDYDQVLHEDETTNRMHESLMLFDSICNNKFFIDTS
IILFLNKKDLFGEKIKKSPLTICFPEYTGPNTYEDAAAYIQAQFESKNRSPNKEIYCHMTCATDTNNAQVIFDAVTDIII
ANNLRGCGLY
;
A
2 'polypeptide(L)'
;MHHHHHHGSSGSELDQLRQEAEQLKNQIRDARKACADATLSQITNNIDPVGRIQMRTRRTLRGHLAKIYAMHWGTDSRLL
VSASQDGKLIIWDSYTTNKVHAIPLRSSWVMTCAYAPSGNYVACGGLDNICSIYNLKTREGNVRVSRELAGHTGYLSCCR
FLDDNQIVTSSGDTTCALWDIETGQQTTTFTGHTGDVMSLSLAPDTRLFVSGACDASAKLWDVREGMCRQTFTGHESDIN
AICFFPNGNAFATGSDDATCRLFDLRADQELMTYSHDNIICGITSVSFSKSGRLLLAGYDDFNCNVWDALKADRAGVLAG
HDNRVSCLGVTDDGMAVATGSWDSFLKIWN
;
B
3 'polypeptide(L)' GKSVQLMERRMDKAGQYTDKGLRKCCEDGMRDIPMRYSCQRRARLITQGENCIKAFIDCCNHITKLREQHRRDHVLGLAR D
4 'polypeptide(L)'
;MGKTIIALSYIFCLVFADYKDDDDAANFTPVNGSSGNQSVRLVTSSSLEVLFQGPGSESFDADTNSTDLHSRPLFQPQDI
ASMVILGLTCLLGLLGNGLVLWVAGVKMKTTVNTVWFLHLTLADFLCCLSLPFSLAHLILQGHWPYGLFLCKLIPSIIIL
NMFASVFLLTAISLDRCLIVHKPIWCQNHRNVRTAFAICGCVWVVAFVMCVPVFVYRDLFIMDNRSICRYNFDSSRSYDY
WDYVYKLSLPESNSTDNSTAQLTGHMNDRSAPSSVQARDYFWTVTTALQSQPFLTSPEDSFSLDSANQQPHYGGKPPNVL
TAAVPSGFPVEDRKSNTLNADAFLSAHTELFPTASSGHLYPYDFQGDYVDQFTYDNHVPTPLMAITITRLVVGFLVPFFI
MVICYSLIVFRMRKTNFTKSRNKTFRVAVAVVTVFFICWTPYHLVGVLLLITDPESSLGEAVMSWDHMSIALASANSCFN
PFLYALLGKDFRKKARQSIKGILEAAFSEELTHSTNCTQDKASSKRNNMSTDV
;
E
5 'polypeptide(L)' MASNNTASIAQARKLVEQLKMEANIDRIKVSKAAADLMAYCEAHAKEDPLLTPVPASENPFREKKFFCAIL G
6 'polypeptide(L)'
;DVQLVESGGGLVQPGGSRKLSCSASGFAFSSFGMHWVRQAPEKGLEWVAYISSGSGTIYYADTVKGRFTISRDDPKNTLF
LQMTSLRSEDTAMYYCVRSIYYYGSSPFDFWGQGTTLTVSSGGGGSGGGGSGGGGSDIVMTQATSSVPVTPGESVSISCR
SSKSLLHSNGNTYLYWFLQRPGQSPQLLIYRMSNLASGVPDRFSGSGSGTAFTLTISRLEAEDVGVYYCMQHLEYPLTFG
AGTKLELK
;
H
#
# COMPACT_ATOMS: atom_id res chain seq x y z
N SER A 18 5.66 -25.80 -5.53
CA SER A 18 6.73 -24.81 -5.51
C SER A 18 7.81 -25.15 -6.54
N ALA A 19 7.37 -25.51 -7.74
CA ALA A 19 8.31 -25.82 -8.80
C ALA A 19 9.04 -24.57 -9.29
N GLU A 20 8.28 -23.61 -9.82
CA GLU A 20 8.81 -22.31 -10.18
C GLU A 20 8.19 -21.16 -9.40
N GLU A 21 7.21 -21.45 -8.54
CA GLU A 21 6.63 -20.41 -7.70
C GLU A 21 7.65 -19.79 -6.77
N ARG A 22 8.75 -20.49 -6.50
CA ARG A 22 9.85 -19.88 -5.75
C ARG A 22 10.43 -18.69 -6.50
N ALA A 23 10.55 -18.81 -7.83
CA ALA A 23 10.98 -17.66 -8.62
C ALA A 23 9.95 -16.54 -8.61
N ALA A 24 8.66 -16.89 -8.57
CA ALA A 24 7.63 -15.86 -8.44
C ALA A 24 7.77 -15.12 -7.12
N LEU A 25 8.02 -15.84 -6.03
CA LEU A 25 8.25 -15.19 -4.74
C LEU A 25 9.50 -14.34 -4.77
N GLU A 26 10.54 -14.82 -5.46
CA GLU A 26 11.78 -14.03 -5.59
C GLU A 26 11.50 -12.71 -6.29
N ARG A 27 10.75 -12.75 -7.39
CA ARG A 27 10.42 -11.52 -8.11
C ARG A 27 9.55 -10.61 -7.26
N SER A 28 8.59 -11.19 -6.54
CA SER A 28 7.72 -10.39 -5.68
C SER A 28 8.52 -9.65 -4.62
N LYS A 29 9.47 -10.35 -3.98
CA LYS A 29 10.33 -9.69 -3.00
C LYS A 29 11.22 -8.64 -3.67
N ALA A 30 11.74 -8.95 -4.86
CA ALA A 30 12.66 -8.04 -5.53
C ALA A 30 11.98 -6.74 -5.92
N ILE A 31 10.67 -6.77 -6.18
CA ILE A 31 9.97 -5.52 -6.48
C ILE A 31 9.31 -4.89 -5.25
N GLU A 32 9.03 -5.68 -4.20
CA GLU A 32 8.62 -5.07 -2.94
C GLU A 32 9.75 -4.24 -2.35
N LYS A 33 10.99 -4.72 -2.48
CA LYS A 33 12.14 -3.93 -2.04
C LYS A 33 12.23 -2.63 -2.82
N ASN A 34 11.98 -2.67 -4.13
CA ASN A 34 11.99 -1.45 -4.93
C ASN A 34 10.90 -0.50 -4.50
N LEU A 35 9.71 -1.01 -4.20
CA LEU A 35 8.63 -0.15 -3.71
C LEU A 35 9.02 0.53 -2.40
N LYS A 36 9.59 -0.24 -1.47
CA LYS A 36 9.98 0.33 -0.19
C LYS A 36 11.06 1.39 -0.36
N GLU A 37 12.07 1.11 -1.18
CA GLU A 37 13.14 2.07 -1.40
C GLU A 37 12.62 3.33 -2.07
N ASP A 38 11.74 3.19 -3.06
CA ASP A 38 11.18 4.36 -3.74
C ASP A 38 10.35 5.20 -2.78
N GLY A 39 9.54 4.55 -1.94
CA GLY A 39 8.77 5.31 -0.96
C GLY A 39 9.63 6.06 0.04
N ILE A 40 10.68 5.39 0.54
CA ILE A 40 11.58 6.05 1.48
C ILE A 40 12.28 7.23 0.82
N SER A 41 12.71 7.06 -0.43
CA SER A 41 13.36 8.15 -1.14
C SER A 41 12.40 9.32 -1.38
N ALA A 42 11.14 9.01 -1.72
CA ALA A 42 10.16 10.07 -1.98
C ALA A 42 9.66 10.74 -0.72
N ALA A 43 9.83 10.11 0.45
CA ALA A 43 9.42 10.75 1.70
C ALA A 43 10.27 11.95 2.07
N LYS A 44 11.41 12.15 1.39
CA LYS A 44 12.29 13.27 1.69
C LYS A 44 11.78 14.61 1.18
N ASP A 45 10.71 14.62 0.38
CA ASP A 45 10.23 15.83 -0.25
C ASP A 45 9.15 16.49 0.60
N VAL A 46 9.14 17.83 0.59
CA VAL A 46 8.17 18.62 1.33
C VAL A 46 7.09 19.09 0.36
N LYS A 47 5.91 18.49 0.46
CA LYS A 47 4.82 18.85 -0.44
C LYS A 47 4.22 20.19 -0.03
N LEU A 48 4.01 21.06 -1.01
CA LEU A 48 3.36 22.35 -0.81
C LEU A 48 2.21 22.50 -1.80
N LEU A 49 1.21 23.27 -1.41
CA LEU A 49 0.00 23.47 -2.22
C LEU A 49 -0.19 24.96 -2.43
N LEU A 50 -0.31 25.36 -3.70
CA LEU A 50 -0.58 26.75 -4.04
C LEU A 50 -2.08 26.98 -4.21
N LEU A 51 -2.54 28.16 -3.83
CA LEU A 51 -3.95 28.50 -3.93
C LEU A 51 -4.09 30.01 -4.06
N GLY A 52 -5.25 30.43 -4.55
CA GLY A 52 -5.53 31.84 -4.71
C GLY A 52 -6.56 32.07 -5.78
N ALA A 53 -6.94 33.33 -5.93
CA ALA A 53 -7.90 33.72 -6.95
C ALA A 53 -7.22 33.83 -8.31
N ASP A 54 -8.03 34.13 -9.32
CA ASP A 54 -7.49 34.30 -10.68
C ASP A 54 -6.62 35.56 -10.73
N ASN A 55 -5.43 35.40 -11.32
CA ASN A 55 -4.46 36.50 -11.43
C ASN A 55 -4.14 37.10 -10.07
N SER A 56 -3.99 36.24 -9.06
CA SER A 56 -3.72 36.67 -7.70
C SER A 56 -2.23 36.63 -7.36
N GLY A 57 -1.37 36.51 -8.37
CA GLY A 57 0.06 36.59 -8.16
C GLY A 57 0.76 35.30 -7.78
N LYS A 58 0.06 34.16 -7.82
CA LYS A 58 0.74 32.90 -7.56
C LYS A 58 1.70 32.54 -8.69
N SER A 59 1.36 32.90 -9.94
CA SER A 59 2.21 32.57 -11.07
C SER A 59 3.57 33.24 -10.96
N THR A 60 3.60 34.52 -10.58
CA THR A 60 4.88 35.22 -10.50
C THR A 60 5.74 34.71 -9.36
N ILE A 61 5.13 34.35 -8.22
CA ILE A 61 5.93 33.84 -7.11
C ILE A 61 6.44 32.44 -7.41
N VAL A 62 5.68 31.64 -8.16
CA VAL A 62 6.19 30.32 -8.51
C VAL A 62 7.21 30.41 -9.63
N LYS A 63 7.14 31.45 -10.47
CA LYS A 63 8.14 31.67 -11.51
C LYS A 63 9.43 32.26 -10.96
N GLN A 64 9.34 32.99 -9.83
CA GLN A 64 10.54 33.55 -9.23
C GLN A 64 11.54 32.47 -8.84
N MET A 65 11.05 31.28 -8.50
CA MET A 65 11.90 30.13 -8.21
C MET A 65 12.21 29.31 -9.45
N LYS A 66 11.75 29.75 -10.63
CA LYS A 66 12.02 29.09 -11.90
C LYS A 66 11.46 27.67 -11.94
N ILE A 67 11.85 26.90 -12.95
CA ILE A 67 11.38 25.53 -13.16
C ILE A 67 9.86 25.49 -13.22
N THR A 79 -5.17 21.04 -19.10
CA THR A 79 -4.91 22.02 -18.05
C THR A 79 -5.15 21.41 -16.66
N GLY A 80 -4.29 20.48 -16.28
CA GLY A 80 -4.36 19.82 -15.00
C GLY A 80 -3.45 20.43 -13.97
N ILE A 81 -2.95 19.60 -13.06
CA ILE A 81 -2.06 20.08 -12.02
C ILE A 81 -0.71 20.44 -12.64
N VAL A 82 -0.23 21.64 -12.33
CA VAL A 82 1.06 22.10 -12.83
C VAL A 82 2.06 22.07 -11.69
N GLU A 83 2.79 20.97 -11.56
CA GLU A 83 3.74 20.81 -10.47
C GLU A 83 5.03 21.56 -10.77
N THR A 84 5.51 22.31 -9.78
CA THR A 84 6.79 23.00 -9.85
C THR A 84 7.61 22.61 -8.63
N HIS A 85 8.84 22.16 -8.87
CA HIS A 85 9.71 21.71 -7.79
C HIS A 85 11.05 22.43 -7.88
N PHE A 86 11.62 22.72 -6.71
CA PHE A 86 12.92 23.36 -6.62
C PHE A 86 13.57 22.99 -5.31
N THR A 87 14.91 22.95 -5.30
CA THR A 87 15.68 22.60 -4.13
C THR A 87 16.29 23.87 -3.55
N PHE A 88 16.01 24.13 -2.27
CA PHE A 88 16.46 25.34 -1.60
C PHE A 88 17.02 24.98 -0.24
N LYS A 89 18.30 25.25 -0.03
CA LYS A 89 18.97 25.03 1.25
C LYS A 89 18.78 23.60 1.75
N ASN A 90 19.12 22.64 0.88
CA ASN A 90 19.10 21.22 1.17
C ASN A 90 17.71 20.68 1.45
N LEU A 91 16.66 21.42 1.10
CA LEU A 91 15.28 20.93 1.18
C LEU A 91 14.69 20.86 -0.22
N HIS A 92 13.96 19.78 -0.49
CA HIS A 92 13.32 19.57 -1.79
C HIS A 92 11.85 19.93 -1.67
N PHE A 93 11.44 21.00 -2.34
CA PHE A 93 10.07 21.47 -2.31
C PHE A 93 9.31 20.97 -3.54
N ARG A 94 8.03 20.70 -3.34
CA ARG A 94 7.12 20.37 -4.43
C ARG A 94 5.90 21.28 -4.32
N LEU A 95 5.69 22.10 -5.34
CA LEU A 95 4.58 23.04 -5.37
C LEU A 95 3.53 22.56 -6.35
N PHE A 96 2.29 22.49 -5.90
CA PHE A 96 1.16 22.04 -6.72
C PHE A 96 0.23 23.21 -6.96
N ASP A 97 0.22 23.72 -8.19
CA ASP A 97 -0.71 24.77 -8.59
C ASP A 97 -1.91 24.11 -9.24
N VAL A 98 -3.07 24.19 -8.58
CA VAL A 98 -4.27 23.51 -9.03
C VAL A 98 -5.24 24.49 -9.70
N GLY A 99 -4.74 25.62 -10.21
CA GLY A 99 -5.62 26.58 -10.85
C GLY A 99 -6.25 26.05 -12.13
N GLY A 100 -5.63 25.05 -12.76
CA GLY A 100 -6.18 24.48 -13.97
C GLY A 100 -7.43 23.66 -13.76
N GLN A 101 -7.64 23.15 -12.55
CA GLN A 101 -8.81 22.33 -12.24
C GLN A 101 -9.99 23.25 -11.98
N ARG A 102 -10.67 23.65 -13.05
CA ARG A 102 -11.86 24.50 -12.94
C ARG A 102 -13.08 23.62 -12.74
N SER A 103 -13.10 22.95 -11.59
CA SER A 103 -14.17 22.02 -11.24
C SER A 103 -14.53 22.22 -9.77
N GLU A 104 -15.40 21.36 -9.27
CA GLU A 104 -15.81 21.42 -7.86
C GLU A 104 -14.67 20.90 -7.00
N ARG A 105 -14.09 21.77 -6.19
CA ARG A 105 -12.96 21.39 -5.36
C ARG A 105 -13.32 20.40 -4.27
N LYS A 106 -14.61 20.21 -3.99
CA LYS A 106 -15.00 19.29 -2.92
C LYS A 106 -14.63 17.85 -3.23
N LYS A 107 -14.56 17.48 -4.51
CA LYS A 107 -14.36 16.10 -4.90
C LYS A 107 -12.89 15.72 -5.07
N TRP A 108 -11.97 16.68 -5.02
CA TRP A 108 -10.56 16.35 -5.22
C TRP A 108 -9.62 17.07 -4.27
N ILE A 109 -10.12 17.90 -3.34
CA ILE A 109 -9.22 18.59 -2.42
C ILE A 109 -8.59 17.62 -1.44
N HIS A 110 -9.28 16.53 -1.11
CA HIS A 110 -8.77 15.56 -0.14
C HIS A 110 -7.51 14.85 -0.62
N CYS A 111 -7.19 14.91 -1.92
CA CYS A 111 -5.96 14.32 -2.41
C CYS A 111 -4.73 15.01 -1.83
N PHE A 112 -4.88 16.25 -1.34
CA PHE A 112 -3.78 17.02 -0.77
C PHE A 112 -3.79 17.01 0.75
N GLU A 113 -4.39 15.98 1.37
CA GLU A 113 -4.49 15.94 2.81
C GLU A 113 -3.13 15.87 3.49
N ASP A 114 -2.14 15.29 2.81
CA ASP A 114 -0.81 15.09 3.40
C ASP A 114 0.13 16.23 3.12
N VAL A 115 -0.33 17.31 2.49
CA VAL A 115 0.55 18.43 2.15
C VAL A 115 1.05 19.09 3.42
N THR A 116 2.35 19.40 3.45
CA THR A 116 2.96 19.99 4.64
C THR A 116 2.36 21.35 4.96
N ALA A 117 2.29 22.25 3.98
CA ALA A 117 1.81 23.60 4.22
C ALA A 117 1.08 24.10 2.98
N ILE A 118 0.04 24.90 3.20
CA ILE A 118 -0.74 25.49 2.13
C ILE A 118 -0.25 26.91 1.90
N ILE A 119 0.19 27.19 0.67
CA ILE A 119 0.61 28.54 0.29
C ILE A 119 -0.57 29.21 -0.39
N PHE A 120 -1.11 30.24 0.26
CA PHE A 120 -2.32 30.90 -0.20
C PHE A 120 -1.99 32.36 -0.52
N CYS A 121 -2.45 32.83 -1.68
CA CYS A 121 -2.12 34.16 -2.16
C CYS A 121 -3.37 34.98 -2.39
N VAL A 122 -3.29 36.27 -2.08
CA VAL A 122 -4.39 37.22 -2.31
C VAL A 122 -3.81 38.49 -2.92
N ASP A 123 -4.40 38.95 -4.01
CA ASP A 123 -4.00 40.20 -4.62
C ASP A 123 -4.67 41.36 -3.89
N LEU A 124 -3.87 42.34 -3.48
CA LEU A 124 -4.40 43.50 -2.76
C LEU A 124 -4.92 44.58 -3.69
N SER A 125 -4.72 44.45 -5.00
CA SER A 125 -5.18 45.48 -5.93
C SER A 125 -6.71 45.53 -5.99
N ASP A 126 -7.36 44.37 -5.92
CA ASP A 126 -8.82 44.31 -6.01
C ASP A 126 -9.47 44.97 -4.81
N HIS A 141 -11.10 40.94 -0.99
CA HIS A 141 -12.45 40.70 -0.50
C HIS A 141 -13.11 39.54 -1.23
N GLU A 142 -12.66 39.32 -2.48
CA GLU A 142 -13.20 38.23 -3.27
C GLU A 142 -12.66 36.87 -2.82
N SER A 143 -11.46 36.84 -2.24
CA SER A 143 -10.82 35.61 -1.82
C SER A 143 -11.10 35.26 -0.36
N LEU A 144 -11.87 36.08 0.35
CA LEU A 144 -12.16 35.80 1.75
C LEU A 144 -12.94 34.51 1.91
N MET A 145 -13.93 34.29 1.04
CA MET A 145 -14.69 33.05 1.10
C MET A 145 -13.81 31.84 0.82
N LEU A 146 -12.90 31.96 -0.14
CA LEU A 146 -11.98 30.86 -0.43
C LEU A 146 -11.07 30.57 0.75
N PHE A 147 -10.55 31.61 1.40
CA PHE A 147 -9.72 31.40 2.59
C PHE A 147 -10.51 30.74 3.71
N ASP A 148 -11.75 31.18 3.91
CA ASP A 148 -12.59 30.55 4.94
C ASP A 148 -12.85 29.09 4.62
N SER A 149 -13.10 28.78 3.35
CA SER A 149 -13.34 27.40 2.95
C SER A 149 -12.10 26.53 3.18
N ILE A 150 -10.91 27.06 2.86
CA ILE A 150 -9.70 26.26 3.00
C ILE A 150 -9.36 26.06 4.47
N CYS A 151 -9.43 27.11 5.28
CA CYS A 151 -9.02 27.01 6.68
C CYS A 151 -10.05 26.29 7.55
N ASN A 152 -11.31 26.24 7.13
CA ASN A 152 -12.34 25.52 7.86
C ASN A 152 -12.58 24.12 7.30
N ASN A 153 -11.82 23.71 6.30
CA ASN A 153 -12.02 22.40 5.69
C ASN A 153 -11.61 21.29 6.67
N LYS A 154 -12.32 20.16 6.57
CA LYS A 154 -12.08 19.07 7.51
C LYS A 154 -10.69 18.47 7.35
N PHE A 155 -10.22 18.32 6.11
CA PHE A 155 -8.94 17.67 5.88
C PHE A 155 -7.76 18.58 6.22
N PHE A 156 -7.97 19.89 6.29
CA PHE A 156 -6.90 20.85 6.54
C PHE A 156 -6.99 21.46 7.94
N ILE A 157 -7.49 20.69 8.91
CA ILE A 157 -7.61 21.19 10.28
C ILE A 157 -6.27 21.28 11.00
N ASP A 158 -5.23 20.64 10.47
CA ASP A 158 -3.93 20.61 11.13
C ASP A 158 -2.80 21.11 10.24
N THR A 159 -3.11 21.76 9.13
CA THR A 159 -2.10 22.29 8.22
C THR A 159 -1.94 23.79 8.40
N SER A 160 -0.72 24.27 8.20
CA SER A 160 -0.38 25.68 8.39
C SER A 160 -0.48 26.40 7.05
N ILE A 161 -1.33 27.43 7.00
CA ILE A 161 -1.57 28.18 5.78
C ILE A 161 -0.58 29.35 5.75
N ILE A 162 0.45 29.25 4.92
CA ILE A 162 1.40 30.33 4.74
C ILE A 162 0.78 31.39 3.84
N LEU A 163 0.28 32.47 4.43
CA LEU A 163 -0.40 33.50 3.67
C LEU A 163 0.59 34.48 3.07
N PHE A 164 0.36 34.86 1.81
CA PHE A 164 1.13 35.88 1.12
C PHE A 164 0.23 37.03 0.70
N LEU A 165 0.72 38.24 0.87
CA LEU A 165 0.04 39.45 0.40
C LEU A 165 0.92 40.04 -0.70
N ASN A 166 0.67 39.65 -1.94
CA ASN A 166 1.43 40.16 -3.06
C ASN A 166 0.81 41.47 -3.56
N LYS A 167 1.39 42.02 -4.63
CA LYS A 167 0.93 43.28 -5.23
C LYS A 167 0.94 44.40 -4.19
N LYS A 168 2.05 44.52 -3.45
CA LYS A 168 2.15 45.53 -2.41
C LYS A 168 2.18 46.94 -2.98
N ASP A 169 3.02 47.16 -3.99
CA ASP A 169 3.18 48.51 -4.53
C ASP A 169 1.92 48.99 -5.23
N LEU A 170 1.22 48.09 -5.93
CA LEU A 170 -0.04 48.47 -6.57
C LEU A 170 -1.07 48.89 -5.54
N PHE A 171 -1.19 48.15 -4.44
CA PHE A 171 -2.11 48.52 -3.38
C PHE A 171 -1.70 49.85 -2.74
N GLY A 172 -0.40 50.05 -2.56
CA GLY A 172 0.06 51.32 -2.02
C GLY A 172 -0.30 52.49 -2.89
N GLU A 173 -0.10 52.36 -4.21
CA GLU A 173 -0.44 53.46 -5.12
C GLU A 173 -1.95 53.66 -5.19
N LYS A 174 -2.73 52.57 -5.12
CA LYS A 174 -4.18 52.71 -5.09
C LYS A 174 -4.64 53.45 -3.85
N ILE A 175 -4.06 53.13 -2.70
CA ILE A 175 -4.40 53.82 -1.46
C ILE A 175 -3.99 55.29 -1.54
N LYS A 176 -2.80 55.57 -2.08
CA LYS A 176 -2.36 56.95 -2.22
C LYS A 176 -3.27 57.73 -3.14
N LYS A 177 -3.86 57.07 -4.15
CA LYS A 177 -4.78 57.76 -5.04
C LYS A 177 -6.17 57.87 -4.45
N SER A 178 -6.72 56.75 -3.98
CA SER A 178 -8.07 56.69 -3.43
C SER A 178 -8.05 55.97 -2.09
N PRO A 179 -8.99 56.31 -1.19
CA PRO A 179 -8.97 55.69 0.14
C PRO A 179 -9.16 54.18 0.08
N LEU A 180 -8.53 53.49 1.02
CA LEU A 180 -8.60 52.03 1.09
C LEU A 180 -9.98 51.54 1.51
N THR A 181 -10.86 52.43 1.96
CA THR A 181 -12.21 52.04 2.37
C THR A 181 -13.09 51.64 1.19
N ILE A 182 -12.64 51.85 -0.04
CA ILE A 182 -13.46 51.51 -1.21
C ILE A 182 -13.72 50.02 -1.26
N CYS A 183 -12.69 49.21 -1.04
CA CYS A 183 -12.83 47.76 -1.07
C CYS A 183 -13.40 47.20 0.24
N PHE A 184 -13.38 47.97 1.32
CA PHE A 184 -13.92 47.57 2.61
C PHE A 184 -14.85 48.67 3.11
N PRO A 185 -16.10 48.69 2.65
CA PRO A 185 -17.03 49.75 3.09
C PRO A 185 -17.24 49.80 4.59
N GLU A 186 -17.20 48.65 5.27
CA GLU A 186 -17.40 48.63 6.71
C GLU A 186 -16.29 49.39 7.43
N TYR A 187 -15.04 49.18 7.02
CA TYR A 187 -13.92 49.78 7.70
C TYR A 187 -13.90 51.30 7.51
N THR A 188 -13.76 52.03 8.61
CA THR A 188 -13.68 53.49 8.57
C THR A 188 -12.60 53.95 9.54
N GLY A 189 -11.45 53.29 9.52
CA GLY A 189 -10.34 53.66 10.36
C GLY A 189 -9.41 54.64 9.66
N PRO A 190 -8.18 54.75 10.16
CA PRO A 190 -7.20 55.63 9.51
C PRO A 190 -6.93 55.16 8.08
N ASN A 191 -6.76 56.13 7.17
CA ASN A 191 -6.56 55.84 5.75
C ASN A 191 -5.08 56.01 5.43
N THR A 192 -4.31 54.96 5.71
CA THR A 192 -2.88 54.94 5.40
C THR A 192 -2.50 53.51 5.06
N TYR A 193 -1.49 53.38 4.17
CA TYR A 193 -1.06 52.06 3.73
C TYR A 193 -0.55 51.22 4.89
N GLU A 194 0.26 51.82 5.76
CA GLU A 194 0.88 51.09 6.86
C GLU A 194 -0.16 50.51 7.83
N ASP A 195 -1.33 51.12 7.92
CA ASP A 195 -2.40 50.57 8.75
C ASP A 195 -3.41 49.76 7.95
N ALA A 196 -3.65 50.11 6.69
CA ALA A 196 -4.57 49.33 5.86
C ALA A 196 -4.05 47.92 5.64
N ALA A 197 -2.73 47.78 5.43
CA ALA A 197 -2.16 46.45 5.26
C ALA A 197 -2.35 45.61 6.51
N ALA A 198 -2.09 46.20 7.68
CA ALA A 198 -2.29 45.47 8.93
C ALA A 198 -3.76 45.10 9.13
N TYR A 199 -4.66 46.01 8.78
CA TYR A 199 -6.09 45.72 8.92
C TYR A 199 -6.50 44.56 8.02
N ILE A 200 -6.03 44.55 6.77
CA ILE A 200 -6.41 43.46 5.87
C ILE A 200 -5.79 42.16 6.34
N GLN A 201 -4.57 42.20 6.88
CA GLN A 201 -3.97 40.99 7.43
C GLN A 201 -4.78 40.45 8.60
N ALA A 202 -5.25 41.35 9.47
CA ALA A 202 -6.07 40.92 10.59
C ALA A 202 -7.40 40.34 10.10
N GLN A 203 -7.99 40.97 9.09
CA GLN A 203 -9.25 40.47 8.52
C GLN A 203 -9.07 39.05 7.97
N PHE A 204 -7.96 38.82 7.26
CA PHE A 204 -7.73 37.49 6.70
C PHE A 204 -7.41 36.47 7.79
N GLU A 205 -6.67 36.89 8.82
CA GLU A 205 -6.31 35.95 9.90
C GLU A 205 -7.50 35.64 10.80
N SER A 206 -8.51 36.51 10.84
CA SER A 206 -9.67 36.25 11.70
C SER A 206 -10.48 35.04 11.28
N LYS A 207 -10.25 34.50 10.08
CA LYS A 207 -11.00 33.34 9.61
C LYS A 207 -10.51 32.03 10.20
N ASN A 208 -9.37 32.03 10.90
CA ASN A 208 -8.86 30.81 11.50
C ASN A 208 -9.70 30.42 12.72
N ARG A 209 -9.90 29.11 12.90
CA ARG A 209 -10.71 28.61 14.00
C ARG A 209 -10.04 27.51 14.81
N SER A 210 -8.75 27.25 14.59
CA SER A 210 -8.07 26.19 15.32
C SER A 210 -6.76 26.69 15.90
N PRO A 211 -6.35 26.16 17.05
CA PRO A 211 -5.07 26.56 17.64
C PRO A 211 -3.87 25.79 17.11
N ASN A 212 -4.09 24.68 16.39
CA ASN A 212 -2.99 23.85 15.92
C ASN A 212 -2.33 24.39 14.66
N LYS A 213 -2.88 25.43 14.03
CA LYS A 213 -2.33 25.99 12.81
C LYS A 213 -2.00 27.46 13.04
N GLU A 214 -0.89 27.90 12.43
CA GLU A 214 -0.44 29.28 12.52
C GLU A 214 -0.29 29.84 11.11
N ILE A 215 -0.85 31.03 10.89
CA ILE A 215 -0.85 31.66 9.58
C ILE A 215 0.37 32.58 9.51
N TYR A 216 1.43 32.10 8.84
CA TYR A 216 2.67 32.88 8.70
C TYR A 216 2.49 33.88 7.57
N CYS A 217 1.93 35.04 7.91
CA CYS A 217 1.65 36.06 6.92
C CYS A 217 2.95 36.70 6.41
N HIS A 218 2.86 37.30 5.23
CA HIS A 218 3.97 38.03 4.64
C HIS A 218 3.43 38.96 3.59
N MET A 219 4.21 39.99 3.27
CA MET A 219 3.86 40.98 2.25
C MET A 219 4.90 40.92 1.13
N THR A 220 4.42 40.85 -0.10
CA THR A 220 5.29 40.77 -1.27
C THR A 220 4.89 41.82 -2.29
N CYS A 221 5.87 42.28 -3.06
CA CYS A 221 5.65 43.28 -4.10
C CYS A 221 5.90 42.71 -5.50
N ALA A 222 6.06 41.40 -5.62
CA ALA A 222 6.32 40.72 -6.89
C ALA A 222 7.58 41.21 -7.57
N THR A 223 8.51 41.79 -6.80
CA THR A 223 9.77 42.27 -7.37
C THR A 223 10.96 41.95 -6.47
N ASP A 224 10.79 41.08 -5.48
CA ASP A 224 11.85 40.73 -4.55
C ASP A 224 11.97 39.22 -4.44
N THR A 225 13.19 38.75 -4.19
CA THR A 225 13.47 37.33 -4.05
C THR A 225 13.41 36.87 -2.60
N ASN A 226 12.65 37.56 -1.75
CA ASN A 226 12.55 37.20 -0.34
C ASN A 226 11.52 36.09 -0.10
N ASN A 227 10.79 35.66 -1.13
CA ASN A 227 9.78 34.63 -0.93
C ASN A 227 10.39 33.32 -0.47
N ALA A 228 11.54 32.95 -1.04
CA ALA A 228 12.15 31.66 -0.72
C ALA A 228 12.52 31.58 0.76
N GLN A 229 13.08 32.66 1.31
CA GLN A 229 13.48 32.63 2.72
C GLN A 229 12.27 32.50 3.64
N VAL A 230 11.19 33.22 3.33
CA VAL A 230 9.98 33.13 4.14
C VAL A 230 9.40 31.72 4.08
N ILE A 231 9.35 31.13 2.88
CA ILE A 231 8.85 29.77 2.75
C ILE A 231 9.73 28.81 3.52
N PHE A 232 11.05 28.98 3.45
CA PHE A 232 11.96 28.09 4.14
C PHE A 232 11.78 28.16 5.65
N ASP A 233 11.67 29.38 6.20
CA ASP A 233 11.48 29.53 7.64
C ASP A 233 10.17 28.91 8.08
N ALA A 234 9.09 29.18 7.33
CA ALA A 234 7.79 28.60 7.69
C ALA A 234 7.83 27.09 7.64
N VAL A 235 8.48 26.52 6.62
CA VAL A 235 8.54 25.07 6.49
C VAL A 235 9.35 24.46 7.62
N THR A 236 10.46 25.10 8.02
CA THR A 236 11.22 24.59 9.16
C THR A 236 10.36 24.60 10.42
N ASP A 237 9.61 25.68 10.65
CA ASP A 237 8.77 25.75 11.83
C ASP A 237 7.70 24.67 11.80
N ILE A 238 7.07 24.46 10.64
CA ILE A 238 6.01 23.46 10.54
C ILE A 238 6.58 22.05 10.72
N ILE A 239 7.78 21.80 10.19
CA ILE A 239 8.41 20.50 10.38
C ILE A 239 8.68 20.24 11.86
N ILE A 240 9.19 21.25 12.56
CA ILE A 240 9.44 21.10 13.99
C ILE A 240 8.14 20.80 14.72
N ALA A 241 7.08 21.55 14.39
CA ALA A 241 5.81 21.36 15.08
C ALA A 241 5.24 19.97 14.82
N ASN A 242 5.29 19.51 13.56
CA ASN A 242 4.73 18.20 13.24
C ASN A 242 5.54 17.09 13.89
N ASN A 243 6.87 17.19 13.87
CA ASN A 243 7.70 16.17 14.50
C ASN A 243 7.47 16.12 16.00
N LEU A 244 7.30 17.28 16.64
CA LEU A 244 7.03 17.29 18.07
C LEU A 244 5.64 16.72 18.37
N ARG A 245 4.66 17.02 17.52
CA ARG A 245 3.32 16.46 17.72
C ARG A 245 3.32 14.95 17.56
N GLY A 246 4.10 14.43 16.61
CA GLY A 246 4.14 12.99 16.40
C GLY A 246 4.65 12.22 17.61
N CYS A 247 5.67 12.74 18.27
CA CYS A 247 6.26 12.09 19.43
C CYS A 247 5.44 12.30 20.70
N GLY A 248 4.40 13.12 20.66
CA GLY A 248 3.59 13.39 21.83
C GLY A 248 4.11 14.49 22.72
N LEU A 249 5.26 15.09 22.39
CA LEU A 249 5.82 16.18 23.18
C LEU A 249 5.08 17.49 22.98
N TYR A 250 4.22 17.59 21.96
CA TYR A 250 3.53 18.84 21.66
C TYR A 250 2.02 18.66 21.83
N GLU B 13 -40.94 32.91 -27.28
CA GLU B 13 -39.55 33.15 -26.92
C GLU B 13 -39.01 32.05 -26.00
N LEU B 14 -38.02 32.41 -25.18
CA LEU B 14 -37.46 31.44 -24.24
C LEU B 14 -38.48 31.02 -23.20
N ASP B 15 -39.44 31.88 -22.89
CA ASP B 15 -40.50 31.52 -21.95
C ASP B 15 -41.33 30.35 -22.47
N GLN B 16 -41.63 30.36 -23.76
CA GLN B 16 -42.37 29.25 -24.36
C GLN B 16 -41.59 27.95 -24.26
N LEU B 17 -40.28 28.01 -24.53
CA LEU B 17 -39.43 26.82 -24.42
C LEU B 17 -39.39 26.31 -22.99
N ARG B 18 -39.27 27.22 -22.02
CA ARG B 18 -39.25 26.82 -20.61
C ARG B 18 -40.58 26.18 -20.20
N GLN B 19 -41.70 26.74 -20.66
CA GLN B 19 -42.99 26.15 -20.35
C GLN B 19 -43.14 24.78 -20.99
N GLU B 20 -42.67 24.62 -22.23
CA GLU B 20 -42.72 23.31 -22.88
C GLU B 20 -41.86 22.29 -22.14
N ALA B 21 -40.68 22.71 -21.69
CA ALA B 21 -39.81 21.81 -20.93
C ALA B 21 -40.46 21.42 -19.60
N GLU B 22 -41.10 22.37 -18.93
CA GLU B 22 -41.80 22.05 -17.69
C GLU B 22 -42.95 21.06 -17.94
N GLN B 23 -43.70 21.27 -19.02
CA GLN B 23 -44.77 20.35 -19.36
C GLN B 23 -44.23 18.95 -19.68
N LEU B 24 -43.11 18.88 -20.39
CA LEU B 24 -42.50 17.59 -20.70
C LEU B 24 -42.03 16.90 -19.43
N LYS B 25 -41.43 17.65 -18.51
CA LYS B 25 -41.00 17.07 -17.24
C LYS B 25 -42.18 16.56 -16.43
N ASN B 26 -43.29 17.32 -16.42
CA ASN B 26 -44.49 16.86 -15.74
C ASN B 26 -45.03 15.58 -16.37
N GLN B 27 -45.02 15.51 -17.71
CA GLN B 27 -45.46 14.30 -18.39
C GLN B 27 -44.57 13.12 -18.03
N ILE B 28 -43.25 13.34 -17.98
CA ILE B 28 -42.33 12.27 -17.59
C ILE B 28 -42.61 11.80 -16.18
N ARG B 29 -42.83 12.74 -15.25
CA ARG B 29 -43.12 12.36 -13.87
C ARG B 29 -44.43 11.57 -13.78
N ASP B 30 -45.45 12.01 -14.51
CA ASP B 30 -46.73 11.30 -14.47
C ASP B 30 -46.59 9.90 -15.05
N ALA B 31 -45.84 9.75 -16.15
CA ALA B 31 -45.64 8.43 -16.74
C ALA B 31 -44.86 7.52 -15.79
N ARG B 32 -43.83 8.07 -15.14
CA ARG B 32 -43.05 7.26 -14.20
C ARG B 32 -43.90 6.83 -13.02
N LYS B 33 -44.73 7.74 -12.50
CA LYS B 33 -45.61 7.37 -11.40
C LYS B 33 -46.70 6.40 -11.82
N ALA B 34 -47.09 6.40 -13.09
CA ALA B 34 -48.11 5.48 -13.57
C ALA B 34 -47.62 4.03 -13.50
N CYS B 35 -46.35 3.81 -13.80
CA CYS B 35 -45.79 2.46 -13.82
C CYS B 35 -45.42 1.94 -12.45
N ALA B 36 -45.53 2.75 -11.41
CA ALA B 36 -45.18 2.33 -10.05
C ALA B 36 -46.37 1.63 -9.41
N ASP B 37 -46.61 0.40 -9.87
CA ASP B 37 -47.71 -0.39 -9.33
C ASP B 37 -47.49 -0.73 -7.86
N ALA B 38 -46.27 -1.12 -7.51
CA ALA B 38 -45.96 -1.48 -6.12
C ALA B 38 -44.46 -1.37 -5.91
N THR B 39 -44.06 -1.28 -4.65
CA THR B 39 -42.65 -1.17 -4.32
C THR B 39 -41.96 -2.54 -4.42
N LEU B 40 -40.63 -2.49 -4.58
CA LEU B 40 -39.85 -3.72 -4.63
C LEU B 40 -39.99 -4.52 -3.34
N SER B 41 -39.92 -3.83 -2.20
CA SER B 41 -40.06 -4.49 -0.91
C SER B 41 -41.43 -5.10 -0.70
N GLN B 42 -42.46 -4.59 -1.38
CA GLN B 42 -43.78 -5.21 -1.30
C GLN B 42 -43.77 -6.60 -1.91
N ILE B 43 -43.12 -6.75 -3.07
CA ILE B 43 -43.08 -8.04 -3.74
C ILE B 43 -42.10 -8.98 -3.03
N THR B 44 -40.95 -8.45 -2.60
CA THR B 44 -39.89 -9.29 -2.04
C THR B 44 -40.09 -9.61 -0.56
N ASN B 45 -41.32 -9.51 -0.04
CA ASN B 45 -41.56 -9.79 1.36
C ASN B 45 -41.39 -11.27 1.69
N ASN B 46 -41.93 -12.15 0.85
CA ASN B 46 -42.01 -13.58 1.14
C ASN B 46 -40.72 -14.32 0.87
N ILE B 47 -39.59 -13.63 0.70
CA ILE B 47 -38.30 -14.26 0.45
C ILE B 47 -37.53 -14.32 1.76
N ASP B 48 -37.02 -15.50 2.09
CA ASP B 48 -36.30 -15.69 3.34
C ASP B 48 -35.01 -14.87 3.32
N PRO B 49 -34.61 -14.33 4.46
CA PRO B 49 -33.38 -13.51 4.50
C PRO B 49 -32.14 -14.37 4.35
N VAL B 50 -31.03 -13.69 4.04
CA VAL B 50 -29.74 -14.36 3.90
C VAL B 50 -29.06 -14.61 5.24
N GLY B 51 -29.59 -14.07 6.33
CA GLY B 51 -28.98 -14.27 7.63
C GLY B 51 -27.64 -13.54 7.73
N ARG B 52 -26.81 -14.05 8.64
CA ARG B 52 -25.47 -13.48 8.81
C ARG B 52 -24.62 -13.82 7.60
N ILE B 53 -23.97 -12.81 7.03
CA ILE B 53 -23.12 -12.98 5.86
C ILE B 53 -21.69 -12.61 6.24
N GLN B 54 -21.33 -12.88 7.50
CA GLN B 54 -20.02 -12.53 8.01
C GLN B 54 -18.91 -13.16 7.17
N MET B 55 -17.91 -12.35 6.82
CA MET B 55 -16.76 -12.80 6.06
C MET B 55 -15.49 -12.40 6.81
N ARG B 56 -14.43 -13.16 6.57
CA ARG B 56 -13.16 -12.97 7.26
C ARG B 56 -12.08 -12.57 6.27
N THR B 57 -11.09 -11.83 6.76
CA THR B 57 -9.99 -11.38 5.92
C THR B 57 -9.09 -12.55 5.57
N ARG B 58 -9.33 -13.17 4.41
CA ARG B 58 -8.56 -14.34 4.03
C ARG B 58 -7.15 -13.97 3.58
N ARG B 59 -6.99 -12.82 2.95
CA ARG B 59 -5.68 -12.37 2.48
C ARG B 59 -5.55 -10.88 2.77
N THR B 60 -4.30 -10.40 2.78
CA THR B 60 -4.06 -8.97 2.95
C THR B 60 -2.92 -8.57 2.03
N LEU B 61 -3.14 -7.49 1.28
CA LEU B 61 -2.17 -7.02 0.29
C LEU B 61 -1.44 -5.81 0.86
N ARG B 62 -0.39 -6.09 1.63
CA ARG B 62 0.40 -5.04 2.28
C ARG B 62 1.58 -4.67 1.38
N GLY B 63 1.28 -3.86 0.37
CA GLY B 63 2.32 -3.44 -0.55
C GLY B 63 2.36 -1.96 -0.85
N HIS B 64 1.33 -1.22 -0.49
CA HIS B 64 1.26 0.21 -0.77
C HIS B 64 1.68 1.03 0.44
N LEU B 65 2.08 2.28 0.16
CA LEU B 65 2.53 3.20 1.19
C LEU B 65 1.64 4.42 1.35
N ALA B 66 0.79 4.73 0.36
CA ALA B 66 -0.10 5.87 0.45
C ALA B 66 -1.53 5.44 0.19
N LYS B 67 -2.44 6.41 0.04
CA LYS B 67 -3.85 6.09 -0.13
C LYS B 67 -4.09 5.29 -1.41
N ILE B 68 -4.93 4.27 -1.31
CA ILE B 68 -5.36 3.47 -2.44
C ILE B 68 -6.71 3.97 -2.92
N TYR B 69 -6.84 4.20 -4.22
CA TYR B 69 -8.03 4.83 -4.77
C TYR B 69 -8.89 3.94 -5.65
N ALA B 70 -8.34 2.85 -6.20
CA ALA B 70 -9.14 1.99 -7.05
C ALA B 70 -8.54 0.58 -7.08
N MET B 71 -9.39 -0.40 -7.37
CA MET B 71 -8.97 -1.79 -7.46
C MET B 71 -9.96 -2.52 -8.36
N HIS B 72 -9.52 -2.95 -9.54
CA HIS B 72 -10.36 -3.65 -10.49
C HIS B 72 -9.84 -5.07 -10.68
N TRP B 73 -10.76 -6.03 -10.61
CA TRP B 73 -10.41 -7.44 -10.77
C TRP B 73 -10.12 -7.76 -12.23
N GLY B 74 -9.18 -8.68 -12.44
CA GLY B 74 -8.92 -9.17 -13.78
C GLY B 74 -10.04 -10.07 -14.27
N THR B 75 -9.94 -10.42 -15.56
CA THR B 75 -10.96 -11.27 -16.17
C THR B 75 -10.90 -12.70 -15.65
N ASP B 76 -9.73 -13.17 -15.25
CA ASP B 76 -9.58 -14.53 -14.72
C ASP B 76 -9.88 -14.62 -13.22
N SER B 77 -10.27 -13.51 -12.60
CA SER B 77 -10.66 -13.48 -11.18
C SER B 77 -9.51 -13.93 -10.27
N ARG B 78 -8.27 -13.67 -10.68
CA ARG B 78 -7.12 -13.91 -9.84
C ARG B 78 -6.13 -12.75 -9.77
N LEU B 79 -6.10 -11.88 -10.77
CA LEU B 79 -5.21 -10.73 -10.77
C LEU B 79 -5.99 -9.47 -10.45
N LEU B 80 -5.53 -8.74 -9.44
CA LEU B 80 -6.15 -7.49 -9.04
C LEU B 80 -5.16 -6.36 -9.24
N VAL B 81 -5.59 -5.29 -9.89
CA VAL B 81 -4.77 -4.11 -10.13
C VAL B 81 -5.26 -3.00 -9.19
N SER B 82 -4.32 -2.40 -8.46
CA SER B 82 -4.63 -1.36 -7.49
C SER B 82 -3.86 -0.10 -7.84
N ALA B 83 -4.57 1.03 -7.90
CA ALA B 83 -3.98 2.32 -8.20
C ALA B 83 -3.95 3.15 -6.92
N SER B 84 -2.76 3.63 -6.56
CA SER B 84 -2.57 4.39 -5.34
C SER B 84 -1.81 5.68 -5.64
N GLN B 85 -1.98 6.66 -4.76
CA GLN B 85 -1.34 7.96 -4.92
C GLN B 85 0.12 7.95 -4.52
N ASP B 86 0.68 6.80 -4.18
CA ASP B 86 2.11 6.70 -3.91
C ASP B 86 2.95 6.86 -5.18
N GLY B 87 2.32 6.87 -6.35
CA GLY B 87 3.03 6.94 -7.60
C GLY B 87 3.21 5.61 -8.30
N LYS B 88 2.60 4.54 -7.80
CA LYS B 88 2.74 3.22 -8.37
C LYS B 88 1.37 2.59 -8.61
N LEU B 89 1.28 1.79 -9.67
CA LEU B 89 0.14 0.93 -9.92
C LEU B 89 0.64 -0.51 -9.92
N ILE B 90 0.09 -1.32 -9.02
CA ILE B 90 0.60 -2.66 -8.78
C ILE B 90 -0.49 -3.67 -9.14
N ILE B 91 -0.11 -4.70 -9.89
CA ILE B 91 -1.00 -5.80 -10.23
C ILE B 91 -0.75 -6.93 -9.24
N TRP B 92 -1.76 -7.27 -8.46
CA TRP B 92 -1.63 -8.22 -7.36
C TRP B 92 -2.07 -9.61 -7.79
N ASP B 93 -1.30 -10.62 -7.38
CA ASP B 93 -1.69 -12.01 -7.53
C ASP B 93 -2.50 -12.39 -6.29
N SER B 94 -3.82 -12.49 -6.43
CA SER B 94 -4.69 -12.63 -5.27
C SER B 94 -4.55 -13.96 -4.54
N TYR B 95 -3.94 -14.96 -5.15
CA TYR B 95 -3.82 -16.26 -4.50
C TYR B 95 -2.56 -16.35 -3.65
N THR B 96 -1.40 -16.08 -4.23
CA THR B 96 -0.14 -16.12 -3.49
C THR B 96 0.21 -14.79 -2.83
N THR B 97 -0.64 -13.78 -2.96
CA THR B 97 -0.40 -12.44 -2.41
C THR B 97 0.92 -11.85 -2.91
N ASN B 98 1.40 -12.31 -4.06
CA ASN B 98 2.63 -11.80 -4.63
C ASN B 98 2.34 -10.58 -5.51
N LYS B 99 3.38 -9.82 -5.79
CA LYS B 99 3.32 -8.69 -6.71
C LYS B 99 3.93 -9.12 -8.03
N VAL B 100 3.16 -8.98 -9.11
CA VAL B 100 3.62 -9.42 -10.42
C VAL B 100 4.07 -8.24 -11.30
N HIS B 101 3.58 -7.03 -11.05
CA HIS B 101 3.94 -5.88 -11.86
C HIS B 101 3.83 -4.62 -11.03
N ALA B 102 4.91 -3.85 -10.95
CA ALA B 102 4.91 -2.53 -10.34
C ALA B 102 5.12 -1.51 -11.45
N ILE B 103 4.10 -0.71 -11.72
CA ILE B 103 4.09 0.20 -12.86
C ILE B 103 4.32 1.61 -12.33
N PRO B 104 5.50 2.21 -12.57
CA PRO B 104 5.73 3.59 -12.15
C PRO B 104 4.96 4.55 -13.05
N LEU B 105 4.18 5.43 -12.42
CA LEU B 105 3.29 6.32 -13.14
C LEU B 105 4.00 7.63 -13.51
N ARG B 106 3.34 8.43 -14.35
CA ARG B 106 3.86 9.75 -14.71
C ARG B 106 3.43 10.81 -13.69
N SER B 107 2.12 10.96 -13.50
CA SER B 107 1.57 11.89 -12.53
C SER B 107 1.02 11.08 -11.36
N SER B 108 1.52 11.36 -10.16
CA SER B 108 1.14 10.57 -8.99
C SER B 108 -0.33 10.72 -8.65
N TRP B 109 -0.98 11.78 -9.10
CA TRP B 109 -2.39 12.03 -8.75
C TRP B 109 -3.27 11.19 -9.67
N VAL B 110 -3.66 10.01 -9.17
CA VAL B 110 -4.54 9.11 -9.89
C VAL B 110 -5.81 8.92 -9.10
N MET B 111 -6.89 8.61 -9.81
CA MET B 111 -8.19 8.45 -9.18
C MET B 111 -8.97 7.24 -9.68
N THR B 112 -8.44 6.49 -10.64
CA THR B 112 -9.15 5.33 -11.16
C THR B 112 -8.15 4.41 -11.85
N CYS B 113 -8.58 3.17 -12.08
CA CYS B 113 -7.80 2.19 -12.80
C CYS B 113 -8.74 1.17 -13.41
N ALA B 114 -8.23 0.40 -14.37
CA ALA B 114 -9.06 -0.57 -15.07
C ALA B 114 -8.20 -1.71 -15.58
N TYR B 115 -8.77 -2.91 -15.56
CA TYR B 115 -8.12 -4.11 -16.11
C TYR B 115 -8.91 -4.57 -17.31
N ALA B 116 -8.24 -4.68 -18.45
CA ALA B 116 -8.95 -5.04 -19.68
C ALA B 116 -9.48 -6.47 -19.59
N PRO B 117 -10.64 -6.75 -20.17
CA PRO B 117 -11.17 -8.12 -20.13
C PRO B 117 -10.31 -9.12 -20.87
N SER B 118 -9.43 -8.67 -21.76
CA SER B 118 -8.49 -9.58 -22.41
C SER B 118 -7.28 -9.87 -21.53
N GLY B 119 -7.05 -9.08 -20.49
CA GLY B 119 -5.90 -9.27 -19.64
C GLY B 119 -4.59 -8.75 -20.21
N ASN B 120 -4.65 -7.89 -21.21
CA ASN B 120 -3.44 -7.36 -21.85
C ASN B 120 -3.10 -5.94 -21.43
N TYR B 121 -4.11 -5.08 -21.27
CA TYR B 121 -3.88 -3.66 -21.03
C TYR B 121 -4.46 -3.22 -19.70
N VAL B 122 -3.79 -2.26 -19.07
CA VAL B 122 -4.21 -1.67 -17.81
C VAL B 122 -4.27 -0.16 -17.98
N ALA B 123 -5.43 0.43 -17.70
CA ALA B 123 -5.63 1.86 -17.86
C ALA B 123 -5.63 2.54 -16.49
N CYS B 124 -4.92 3.65 -16.39
CA CYS B 124 -4.85 4.42 -15.15
C CYS B 124 -4.76 5.90 -15.49
N GLY B 125 -5.66 6.69 -14.89
CA GLY B 125 -5.69 8.12 -15.14
C GLY B 125 -6.27 8.86 -13.97
N GLY B 126 -6.09 10.17 -13.97
CA GLY B 126 -6.48 10.98 -12.84
C GLY B 126 -6.41 12.48 -13.06
N LEU B 127 -5.89 13.19 -12.06
CA LEU B 127 -5.86 14.66 -12.06
C LEU B 127 -4.99 15.26 -13.14
N ASP B 128 -4.32 14.47 -13.97
CA ASP B 128 -3.52 14.98 -15.06
C ASP B 128 -4.31 15.13 -16.35
N ASN B 129 -5.62 14.87 -16.32
CA ASN B 129 -6.50 14.98 -17.48
C ASN B 129 -6.05 14.08 -18.63
N ILE B 130 -5.39 12.97 -18.30
CA ILE B 130 -4.91 12.02 -19.29
C ILE B 130 -5.21 10.62 -18.78
N CYS B 131 -5.83 9.79 -19.63
CA CYS B 131 -6.14 8.41 -19.29
C CYS B 131 -5.09 7.53 -19.96
N SER B 132 -4.02 7.23 -19.24
CA SER B 132 -2.91 6.46 -19.80
C SER B 132 -3.31 5.02 -20.03
N ILE B 133 -2.66 4.39 -21.00
CA ILE B 133 -2.86 2.99 -21.34
C ILE B 133 -1.52 2.28 -21.22
N TYR B 134 -1.50 1.18 -20.47
CA TYR B 134 -0.29 0.42 -20.22
C TYR B 134 -0.38 -0.96 -20.86
N ASN B 135 0.75 -1.45 -21.37
CA ASN B 135 0.81 -2.70 -22.10
C ASN B 135 1.55 -3.73 -21.25
N LEU B 136 0.81 -4.72 -20.74
CA LEU B 136 1.39 -5.73 -19.88
C LEU B 136 2.19 -6.78 -20.65
N LYS B 137 1.76 -7.12 -21.87
CA LYS B 137 2.34 -8.23 -22.62
C LYS B 137 3.39 -7.77 -23.62
N THR B 138 4.15 -6.73 -23.30
CA THR B 138 5.21 -6.27 -24.19
C THR B 138 6.27 -7.36 -24.34
N ARG B 139 6.73 -7.55 -25.59
CA ARG B 139 7.74 -8.57 -25.85
C ARG B 139 9.07 -8.26 -25.18
N GLU B 140 9.33 -6.99 -24.86
CA GLU B 140 10.54 -6.62 -24.14
C GLU B 140 10.46 -6.93 -22.65
N GLY B 141 9.29 -7.36 -22.17
CA GLY B 141 9.13 -7.72 -20.78
C GLY B 141 8.61 -6.60 -19.91
N ASN B 142 9.27 -5.45 -19.93
CA ASN B 142 8.87 -4.33 -19.11
C ASN B 142 7.60 -3.67 -19.63
N VAL B 143 6.77 -3.21 -18.70
CA VAL B 143 5.54 -2.53 -19.07
C VAL B 143 5.86 -1.15 -19.61
N ARG B 144 5.27 -0.80 -20.76
CA ARG B 144 5.52 0.47 -21.41
C ARG B 144 4.20 1.16 -21.72
N VAL B 145 4.27 2.48 -21.86
CA VAL B 145 3.09 3.27 -22.16
C VAL B 145 2.81 3.19 -23.66
N SER B 146 1.67 2.63 -24.03
CA SER B 146 1.32 2.49 -25.43
C SER B 146 0.59 3.71 -25.98
N ARG B 147 -0.22 4.37 -25.17
CA ARG B 147 -0.97 5.54 -25.62
C ARG B 147 -1.30 6.43 -24.43
N GLU B 148 -1.42 7.73 -24.70
CA GLU B 148 -1.83 8.71 -23.71
C GLU B 148 -3.04 9.45 -24.25
N LEU B 149 -4.20 9.23 -23.65
CA LEU B 149 -5.46 9.75 -24.15
C LEU B 149 -5.65 11.20 -23.71
N ALA B 150 -4.84 12.07 -24.29
CA ALA B 150 -4.97 13.50 -24.03
C ALA B 150 -6.17 14.07 -24.76
N GLY B 151 -6.75 15.13 -24.20
CA GLY B 151 -7.86 15.79 -24.85
C GLY B 151 -8.93 16.27 -23.88
N HIS B 152 -8.97 15.70 -22.69
CA HIS B 152 -9.96 16.11 -21.70
C HIS B 152 -9.63 17.47 -21.12
N THR B 153 -10.66 18.14 -20.61
CA THR B 153 -10.52 19.44 -19.95
C THR B 153 -10.40 19.31 -18.43
N GLY B 154 -11.31 18.56 -17.81
CA GLY B 154 -11.25 18.32 -16.38
C GLY B 154 -10.52 17.04 -16.03
N TYR B 155 -10.52 16.74 -14.74
CA TYR B 155 -9.86 15.53 -14.26
C TYR B 155 -10.67 14.28 -14.64
N LEU B 156 -9.97 13.23 -15.05
CA LEU B 156 -10.59 11.96 -15.39
C LEU B 156 -10.81 11.17 -14.10
N SER B 157 -12.04 10.70 -13.91
CA SER B 157 -12.43 10.06 -12.65
C SER B 157 -12.74 8.58 -12.76
N CYS B 158 -12.97 8.05 -13.96
CA CYS B 158 -13.29 6.63 -14.11
C CYS B 158 -13.08 6.18 -15.54
N CYS B 159 -12.36 5.07 -15.73
CA CYS B 159 -12.13 4.51 -17.06
C CYS B 159 -12.45 3.02 -17.03
N ARG B 160 -13.08 2.55 -18.10
CA ARG B 160 -13.44 1.14 -18.23
C ARG B 160 -13.17 0.69 -19.65
N PHE B 161 -13.11 -0.61 -19.85
CA PHE B 161 -12.73 -1.20 -21.13
C PHE B 161 -13.91 -1.92 -21.76
N LEU B 162 -14.01 -1.81 -23.08
CA LEU B 162 -14.89 -2.65 -23.89
C LEU B 162 -14.12 -3.78 -24.57
N ASP B 163 -12.94 -3.47 -25.10
CA ASP B 163 -12.01 -4.45 -25.63
C ASP B 163 -10.63 -3.82 -25.61
N ASP B 164 -9.67 -4.43 -26.32
CA ASP B 164 -8.32 -3.89 -26.35
C ASP B 164 -8.22 -2.59 -27.15
N ASN B 165 -9.31 -2.12 -27.76
CA ASN B 165 -9.29 -0.91 -28.56
C ASN B 165 -10.13 0.22 -27.98
N GLN B 166 -11.41 -0.03 -27.69
CA GLN B 166 -12.35 1.01 -27.32
C GLN B 166 -12.41 1.11 -25.79
N ILE B 167 -12.02 2.26 -25.27
CA ILE B 167 -12.05 2.55 -23.83
C ILE B 167 -12.95 3.76 -23.59
N VAL B 168 -13.87 3.61 -22.65
CA VAL B 168 -14.80 4.67 -22.28
C VAL B 168 -14.31 5.31 -20.98
N THR B 169 -14.29 6.63 -20.95
CA THR B 169 -13.76 7.38 -19.80
C THR B 169 -14.74 8.45 -19.38
N SER B 170 -14.76 8.73 -18.08
CA SER B 170 -15.58 9.78 -17.49
C SER B 170 -14.68 10.77 -16.76
N SER B 171 -14.98 12.05 -16.91
CA SER B 171 -14.11 13.09 -16.38
C SER B 171 -14.96 14.14 -15.66
N GLY B 172 -14.31 15.25 -15.31
CA GLY B 172 -14.96 16.29 -14.54
C GLY B 172 -15.51 17.44 -15.37
N ASP B 173 -15.33 17.37 -16.69
CA ASP B 173 -15.88 18.39 -17.57
C ASP B 173 -17.32 18.11 -17.95
N THR B 174 -18.03 17.32 -17.14
CA THR B 174 -19.42 16.91 -17.34
C THR B 174 -19.60 16.00 -18.55
N THR B 175 -18.52 15.54 -19.18
CA THR B 175 -18.60 14.78 -20.41
C THR B 175 -17.90 13.44 -20.25
N CYS B 176 -18.54 12.37 -20.71
CA CYS B 176 -17.91 11.09 -20.94
C CYS B 176 -17.54 10.97 -22.41
N ALA B 177 -16.59 10.10 -22.71
CA ALA B 177 -16.11 9.98 -24.07
C ALA B 177 -15.66 8.56 -24.36
N LEU B 178 -16.06 8.05 -25.53
CA LEU B 178 -15.55 6.79 -26.04
C LEU B 178 -14.32 7.05 -26.91
N TRP B 179 -13.23 6.40 -26.57
CA TRP B 179 -11.95 6.64 -27.24
C TRP B 179 -11.58 5.47 -28.14
N ASP B 180 -10.54 5.67 -28.94
CA ASP B 180 -9.95 4.62 -29.76
C ASP B 180 -8.47 4.58 -29.43
N ILE B 181 -8.04 3.53 -28.72
CA ILE B 181 -6.67 3.44 -28.24
C ILE B 181 -5.68 3.43 -29.40
N GLU B 182 -6.08 2.86 -30.55
CA GLU B 182 -5.18 2.76 -31.69
C GLU B 182 -4.92 4.11 -32.36
N THR B 183 -5.80 5.08 -32.18
CA THR B 183 -5.65 6.39 -32.82
C THR B 183 -5.50 7.54 -31.84
N GLY B 184 -5.95 7.40 -30.60
CA GLY B 184 -5.83 8.46 -29.62
C GLY B 184 -6.78 9.63 -29.80
N GLN B 185 -7.90 9.42 -30.49
CA GLN B 185 -8.87 10.47 -30.75
C GLN B 185 -10.21 10.11 -30.13
N GLN B 186 -10.94 11.12 -29.67
CA GLN B 186 -12.27 10.93 -29.10
C GLN B 186 -13.23 10.55 -30.21
N THR B 187 -13.51 9.26 -30.36
CA THR B 187 -14.45 8.83 -31.39
C THR B 187 -15.85 9.37 -31.12
N THR B 188 -16.30 9.31 -29.87
CA THR B 188 -17.61 9.79 -29.49
C THR B 188 -17.52 10.52 -28.16
N THR B 189 -18.26 11.63 -28.05
CA THR B 189 -18.34 12.39 -26.81
C THR B 189 -19.80 12.45 -26.36
N PHE B 190 -19.98 12.50 -25.05
CA PHE B 190 -21.31 12.51 -24.45
C PHE B 190 -21.48 13.78 -23.63
N THR B 191 -22.62 14.46 -23.82
CA THR B 191 -22.93 15.67 -23.09
C THR B 191 -24.38 15.61 -22.61
N GLY B 192 -24.66 16.38 -21.56
CA GLY B 192 -25.97 16.38 -20.97
C GLY B 192 -25.94 16.55 -19.46
N HIS B 193 -24.78 16.27 -18.87
CA HIS B 193 -24.60 16.50 -17.45
C HIS B 193 -24.25 17.96 -17.18
N THR B 194 -24.50 18.40 -15.95
CA THR B 194 -24.22 19.77 -15.54
C THR B 194 -23.19 19.84 -14.41
N GLY B 195 -22.56 18.72 -14.07
CA GLY B 195 -21.58 18.71 -13.01
C GLY B 195 -20.54 17.64 -13.25
N ASP B 196 -19.59 17.55 -12.32
CA ASP B 196 -18.50 16.60 -12.45
C ASP B 196 -19.04 15.18 -12.49
N VAL B 197 -18.70 14.44 -13.54
CA VAL B 197 -19.10 13.04 -13.68
C VAL B 197 -18.03 12.20 -13.00
N MET B 198 -18.39 11.58 -11.88
CA MET B 198 -17.42 10.93 -11.02
C MET B 198 -17.32 9.43 -11.19
N SER B 199 -18.35 8.77 -11.73
CA SER B 199 -18.38 7.33 -11.79
C SER B 199 -18.91 6.85 -13.13
N LEU B 200 -18.53 5.63 -13.50
CA LEU B 200 -18.92 5.04 -14.78
C LEU B 200 -18.97 3.52 -14.61
N SER B 201 -19.83 2.88 -15.40
CA SER B 201 -20.00 1.43 -15.29
C SER B 201 -20.51 0.89 -16.62
N LEU B 202 -19.65 0.21 -17.35
CA LEU B 202 -20.07 -0.41 -18.62
C LEU B 202 -20.93 -1.64 -18.35
N ALA B 203 -22.00 -1.77 -19.12
CA ALA B 203 -22.94 -2.87 -18.96
C ALA B 203 -22.33 -4.18 -19.43
N PRO B 204 -22.84 -5.32 -18.96
CA PRO B 204 -22.33 -6.61 -19.44
C PRO B 204 -22.46 -6.79 -20.95
N ASP B 205 -23.49 -6.23 -21.57
CA ASP B 205 -23.65 -6.33 -23.02
C ASP B 205 -22.71 -5.41 -23.77
N THR B 206 -21.98 -4.53 -23.09
CA THR B 206 -21.01 -3.61 -23.68
C THR B 206 -21.63 -2.69 -24.73
N ARG B 207 -22.96 -2.56 -24.74
CA ARG B 207 -23.65 -1.64 -25.63
C ARG B 207 -24.28 -0.46 -24.88
N LEU B 208 -24.31 -0.50 -23.56
CA LEU B 208 -24.86 0.58 -22.75
C LEU B 208 -23.89 0.85 -21.60
N PHE B 209 -23.95 2.07 -21.07
CA PHE B 209 -23.14 2.41 -19.91
C PHE B 209 -23.75 3.62 -19.22
N VAL B 210 -23.81 3.57 -17.89
CA VAL B 210 -24.37 4.63 -17.08
C VAL B 210 -23.23 5.39 -16.42
N SER B 211 -23.50 6.66 -16.10
CA SER B 211 -22.50 7.53 -15.50
C SER B 211 -23.11 8.29 -14.33
N GLY B 212 -22.35 8.41 -13.25
CA GLY B 212 -22.76 9.19 -12.09
C GLY B 212 -22.02 10.52 -12.08
N ALA B 213 -22.79 11.59 -11.89
CA ALA B 213 -22.26 12.94 -11.96
C ALA B 213 -22.61 13.71 -10.70
N CYS B 214 -21.83 14.75 -10.44
CA CYS B 214 -22.00 15.60 -9.25
C CYS B 214 -23.24 16.47 -9.32
N ASP B 215 -24.09 16.32 -10.33
CA ASP B 215 -25.36 17.02 -10.38
C ASP B 215 -26.47 16.26 -9.66
N ALA B 216 -26.11 15.24 -8.89
CA ALA B 216 -27.06 14.43 -8.11
C ALA B 216 -28.06 13.70 -9.01
N SER B 217 -27.67 13.44 -10.25
CA SER B 217 -28.51 12.69 -11.18
C SER B 217 -27.65 11.70 -11.96
N ALA B 218 -28.23 10.54 -12.25
CA ALA B 218 -27.54 9.49 -12.99
C ALA B 218 -28.16 9.39 -14.38
N LYS B 219 -27.31 9.33 -15.41
CA LYS B 219 -27.75 9.30 -16.79
C LYS B 219 -27.20 8.06 -17.50
N LEU B 220 -28.04 7.46 -18.33
CA LEU B 220 -27.67 6.30 -19.13
C LEU B 220 -27.33 6.74 -20.55
N TRP B 221 -26.44 5.99 -21.20
CA TRP B 221 -26.02 6.32 -22.55
C TRP B 221 -26.02 5.06 -23.42
N ASP B 222 -25.84 5.28 -24.71
CA ASP B 222 -25.62 4.21 -25.68
C ASP B 222 -24.26 4.43 -26.32
N VAL B 223 -23.43 3.38 -26.32
CA VAL B 223 -22.06 3.52 -26.80
C VAL B 223 -22.03 3.77 -28.31
N ARG B 224 -22.90 3.08 -29.06
CA ARG B 224 -22.86 3.18 -30.51
C ARG B 224 -23.43 4.50 -31.01
N GLU B 225 -24.71 4.75 -30.73
CA GLU B 225 -25.35 5.96 -31.23
C GLU B 225 -24.74 7.22 -30.62
N GLY B 226 -24.46 7.19 -29.32
CA GLY B 226 -23.91 8.34 -28.64
C GLY B 226 -24.94 9.32 -28.10
N MET B 227 -26.19 8.87 -27.92
CA MET B 227 -27.27 9.73 -27.44
C MET B 227 -27.76 9.20 -26.10
N CYS B 228 -27.92 10.10 -25.13
CA CYS B 228 -28.47 9.73 -23.84
C CYS B 228 -29.88 9.19 -24.00
N ARG B 229 -30.16 8.07 -23.33
CA ARG B 229 -31.45 7.40 -23.42
C ARG B 229 -32.40 7.77 -22.30
N GLN B 230 -31.93 7.77 -21.05
CA GLN B 230 -32.78 8.03 -19.91
C GLN B 230 -32.03 8.86 -18.88
N THR B 231 -32.77 9.42 -17.93
CA THR B 231 -32.19 10.14 -16.81
C THR B 231 -32.90 9.70 -15.53
N PHE B 232 -32.16 9.73 -14.43
CA PHE B 232 -32.67 9.29 -13.14
C PHE B 232 -32.35 10.32 -12.08
N THR B 233 -33.35 10.70 -11.29
CA THR B 233 -33.22 11.66 -10.22
C THR B 233 -33.62 11.02 -8.90
N GLY B 234 -33.41 11.77 -7.82
CA GLY B 234 -33.78 11.30 -6.50
C GLY B 234 -32.68 11.49 -5.48
N HIS B 235 -31.43 11.50 -5.92
CA HIS B 235 -30.31 11.67 -5.02
C HIS B 235 -30.19 13.14 -4.61
N GLU B 236 -29.98 13.36 -3.32
CA GLU B 236 -29.89 14.70 -2.76
C GLU B 236 -28.48 15.26 -2.77
N SER B 237 -27.49 14.49 -3.20
CA SER B 237 -26.12 14.95 -3.24
C SER B 237 -25.39 14.24 -4.37
N ASP B 238 -24.11 14.56 -4.53
CA ASP B 238 -23.33 14.02 -5.65
C ASP B 238 -23.23 12.51 -5.56
N ILE B 239 -23.30 11.85 -6.71
CA ILE B 239 -23.13 10.41 -6.79
C ILE B 239 -21.65 10.08 -6.88
N ASN B 240 -21.18 9.21 -5.98
CA ASN B 240 -19.76 8.89 -5.89
C ASN B 240 -19.38 7.58 -6.56
N ALA B 241 -20.32 6.66 -6.73
CA ALA B 241 -20.02 5.41 -7.41
C ALA B 241 -21.31 4.80 -7.94
N ILE B 242 -21.17 3.89 -8.89
CA ILE B 242 -22.31 3.30 -9.59
C ILE B 242 -21.86 1.98 -10.20
N CYS B 243 -22.81 1.07 -10.38
CA CYS B 243 -22.50 -0.23 -10.95
C CYS B 243 -23.77 -0.87 -11.49
N PHE B 244 -23.61 -1.67 -12.54
CA PHE B 244 -24.73 -2.39 -13.12
C PHE B 244 -25.07 -3.64 -12.32
N PHE B 245 -26.35 -3.97 -12.29
CA PHE B 245 -26.77 -5.28 -11.84
C PHE B 245 -26.25 -6.33 -12.84
N PRO B 246 -25.82 -7.50 -12.37
CA PRO B 246 -25.25 -8.49 -13.29
C PRO B 246 -26.18 -8.90 -14.43
N ASN B 247 -27.49 -8.88 -14.20
CA ASN B 247 -28.44 -9.20 -15.26
C ASN B 247 -28.51 -8.12 -16.33
N GLY B 248 -27.94 -6.95 -16.09
CA GLY B 248 -27.99 -5.88 -17.06
C GLY B 248 -29.32 -5.16 -17.17
N ASN B 249 -30.26 -5.45 -16.27
CA ASN B 249 -31.57 -4.83 -16.29
C ASN B 249 -31.77 -3.82 -15.17
N ALA B 250 -30.73 -3.51 -14.42
CA ALA B 250 -30.83 -2.58 -13.30
C ALA B 250 -29.43 -2.10 -12.94
N PHE B 251 -29.38 -1.07 -12.10
CA PHE B 251 -28.11 -0.55 -11.63
C PHE B 251 -28.34 0.20 -10.31
N ALA B 252 -27.35 0.12 -9.44
CA ALA B 252 -27.42 0.74 -8.12
C ALA B 252 -26.35 1.82 -7.99
N THR B 253 -26.73 2.95 -7.42
CA THR B 253 -25.85 4.10 -7.28
C THR B 253 -25.63 4.42 -5.80
N GLY B 254 -24.42 4.86 -5.47
CA GLY B 254 -24.10 5.27 -4.13
C GLY B 254 -23.68 6.72 -4.05
N SER B 255 -24.49 7.55 -3.39
CA SER B 255 -24.27 8.99 -3.32
C SER B 255 -23.73 9.36 -1.95
N ASP B 256 -23.24 10.61 -1.85
CA ASP B 256 -22.71 11.15 -0.61
C ASP B 256 -23.78 11.47 0.41
N ASP B 257 -25.04 11.16 0.13
CA ASP B 257 -26.13 11.33 1.09
C ASP B 257 -26.30 10.13 2.00
N ALA B 258 -25.29 9.26 2.08
CA ALA B 258 -25.33 8.06 2.93
C ALA B 258 -26.50 7.15 2.56
N THR B 259 -26.81 7.09 1.26
CA THR B 259 -27.88 6.23 0.78
C THR B 259 -27.43 5.51 -0.49
N CYS B 260 -27.92 4.29 -0.66
CA CYS B 260 -27.74 3.52 -1.88
C CYS B 260 -29.10 3.26 -2.50
N ARG B 261 -29.24 3.57 -3.79
CA ARG B 261 -30.50 3.46 -4.50
C ARG B 261 -30.38 2.42 -5.60
N LEU B 262 -31.51 1.80 -5.94
CA LEU B 262 -31.59 0.81 -7.01
C LEU B 262 -32.56 1.30 -8.07
N PHE B 263 -32.11 1.36 -9.31
CA PHE B 263 -32.92 1.83 -10.43
C PHE B 263 -33.07 0.72 -11.47
N ASP B 264 -34.24 0.64 -12.08
CA ASP B 264 -34.53 -0.35 -13.11
C ASP B 264 -34.63 0.34 -14.47
N LEU B 265 -33.94 -0.21 -15.46
CA LEU B 265 -33.95 0.39 -16.79
C LEU B 265 -35.33 0.35 -17.42
N ARG B 266 -36.05 -0.77 -17.26
CA ARG B 266 -37.37 -0.92 -17.87
C ARG B 266 -38.48 -0.29 -17.03
N ALA B 267 -38.16 0.25 -15.85
CA ALA B 267 -39.15 0.93 -15.02
C ALA B 267 -38.94 2.44 -14.96
N ASP B 268 -37.73 2.92 -15.21
CA ASP B 268 -37.43 4.35 -15.26
C ASP B 268 -37.83 5.05 -13.96
N GLN B 269 -37.38 4.50 -12.85
CA GLN B 269 -37.65 5.05 -11.52
C GLN B 269 -36.69 4.39 -10.54
N GLU B 270 -36.92 4.61 -9.25
CA GLU B 270 -36.11 4.05 -8.18
C GLU B 270 -36.86 2.87 -7.55
N LEU B 271 -36.16 1.76 -7.37
CA LEU B 271 -36.76 0.54 -6.83
C LEU B 271 -36.70 0.52 -5.31
N MET B 272 -35.50 0.57 -4.75
CA MET B 272 -35.31 0.55 -3.31
C MET B 272 -34.15 1.45 -2.94
N THR B 273 -34.29 2.11 -1.78
CA THR B 273 -33.26 3.00 -1.24
C THR B 273 -32.74 2.38 0.05
N TYR B 274 -31.43 2.16 0.11
CA TYR B 274 -30.80 1.53 1.27
C TYR B 274 -30.28 2.62 2.19
N SER B 275 -30.83 2.68 3.41
CA SER B 275 -30.48 3.73 4.34
C SER B 275 -30.63 3.23 5.77
N HIS B 276 -29.97 3.93 6.69
CA HIS B 276 -30.04 3.63 8.11
C HIS B 276 -29.62 4.87 8.87
N ASP B 277 -30.33 5.20 9.95
CA ASP B 277 -30.04 6.42 10.70
C ASP B 277 -28.67 6.36 11.37
N ASN B 278 -28.15 5.15 11.63
CA ASN B 278 -26.83 5.04 12.26
C ASN B 278 -25.73 5.57 11.35
N ILE B 279 -25.83 5.30 10.05
CA ILE B 279 -24.79 5.62 9.08
C ILE B 279 -25.08 6.98 8.46
N ILE B 280 -24.07 7.86 8.48
CA ILE B 280 -24.18 9.19 7.88
C ILE B 280 -22.95 9.47 7.03
N CYS B 281 -22.07 8.49 6.91
CA CYS B 281 -20.82 8.69 6.19
C CYS B 281 -21.08 8.74 4.68
N GLY B 282 -20.04 9.15 3.94
CA GLY B 282 -20.13 9.27 2.51
C GLY B 282 -19.76 7.99 1.77
N ILE B 283 -20.72 7.42 1.04
CA ILE B 283 -20.49 6.19 0.30
C ILE B 283 -19.53 6.47 -0.86
N THR B 284 -18.50 5.64 -0.99
CA THR B 284 -17.48 5.84 -2.01
C THR B 284 -17.40 4.75 -3.06
N SER B 285 -18.04 3.59 -2.83
CA SER B 285 -17.99 2.53 -3.84
C SER B 285 -19.11 1.53 -3.57
N VAL B 286 -19.67 1.00 -4.65
CA VAL B 286 -20.71 -0.03 -4.58
C VAL B 286 -20.37 -1.12 -5.58
N SER B 287 -20.87 -2.32 -5.30
CA SER B 287 -20.68 -3.47 -6.19
C SER B 287 -21.61 -4.59 -5.76
N PHE B 288 -22.18 -5.29 -6.74
CA PHE B 288 -23.10 -6.38 -6.48
C PHE B 288 -22.33 -7.68 -6.25
N SER B 289 -23.08 -8.76 -6.07
CA SER B 289 -22.54 -10.11 -6.07
C SER B 289 -22.80 -10.74 -7.43
N LYS B 290 -22.39 -12.01 -7.58
CA LYS B 290 -22.60 -12.68 -8.86
C LYS B 290 -24.07 -12.98 -9.10
N SER B 291 -24.82 -13.31 -8.06
CA SER B 291 -26.24 -13.62 -8.20
C SER B 291 -27.14 -12.42 -7.92
N GLY B 292 -26.56 -11.25 -7.65
CA GLY B 292 -27.37 -10.08 -7.38
C GLY B 292 -28.09 -10.10 -6.06
N ARG B 293 -27.60 -10.87 -5.09
CA ARG B 293 -28.24 -10.95 -3.78
C ARG B 293 -27.60 -10.02 -2.76
N LEU B 294 -26.31 -9.73 -2.89
CA LEU B 294 -25.60 -8.88 -1.96
C LEU B 294 -25.02 -7.68 -2.69
N LEU B 295 -25.22 -6.49 -2.12
CA LEU B 295 -24.65 -5.25 -2.64
C LEU B 295 -23.63 -4.75 -1.61
N LEU B 296 -22.36 -5.06 -1.84
CA LEU B 296 -21.30 -4.65 -0.94
C LEU B 296 -20.93 -3.20 -1.23
N ALA B 297 -21.39 -2.28 -0.38
CA ALA B 297 -21.21 -0.87 -0.58
C ALA B 297 -20.22 -0.33 0.44
N GLY B 298 -19.22 0.41 -0.04
CA GLY B 298 -18.26 1.03 0.86
C GLY B 298 -18.83 2.23 1.57
N TYR B 299 -18.08 2.71 2.57
CA TYR B 299 -18.50 3.86 3.36
C TYR B 299 -17.27 4.65 3.78
N ASP B 300 -17.50 5.89 4.19
CA ASP B 300 -16.45 6.74 4.73
C ASP B 300 -16.24 6.53 6.22
N ASP B 301 -17.02 5.65 6.85
CA ASP B 301 -16.90 5.37 8.28
C ASP B 301 -15.91 4.26 8.56
N PHE B 302 -14.94 4.04 7.68
CA PHE B 302 -13.83 3.10 7.86
C PHE B 302 -14.28 1.66 7.72
N ASN B 303 -15.58 1.42 7.53
CA ASN B 303 -16.11 0.07 7.41
C ASN B 303 -16.98 -0.03 6.17
N CYS B 304 -17.00 -1.22 5.58
CA CYS B 304 -17.80 -1.52 4.39
C CYS B 304 -18.94 -2.44 4.80
N ASN B 305 -20.17 -2.00 4.57
CA ASN B 305 -21.34 -2.78 4.92
C ASN B 305 -21.69 -3.74 3.78
N VAL B 306 -22.65 -4.63 4.06
CA VAL B 306 -23.16 -5.58 3.08
C VAL B 306 -24.68 -5.49 3.11
N TRP B 307 -25.28 -5.23 1.95
CA TRP B 307 -26.71 -5.00 1.84
C TRP B 307 -27.39 -6.11 1.05
N ASP B 308 -28.44 -6.68 1.63
CA ASP B 308 -29.31 -7.59 0.89
C ASP B 308 -30.05 -6.79 -0.16
N ALA B 309 -29.75 -7.05 -1.44
CA ALA B 309 -30.27 -6.21 -2.52
C ALA B 309 -31.79 -6.25 -2.60
N LEU B 310 -32.41 -7.36 -2.18
CA LEU B 310 -33.85 -7.51 -2.33
C LEU B 310 -34.62 -7.10 -1.08
N LYS B 311 -34.11 -7.43 0.10
CA LYS B 311 -34.81 -7.12 1.34
C LYS B 311 -34.42 -5.75 1.91
N ALA B 312 -33.45 -5.07 1.30
CA ALA B 312 -33.02 -3.74 1.75
C ALA B 312 -32.63 -3.74 3.21
N ASP B 313 -32.00 -4.82 3.67
CA ASP B 313 -31.60 -4.97 5.05
C ASP B 313 -30.15 -5.42 5.11
N ARG B 314 -29.46 -4.95 6.14
CA ARG B 314 -28.05 -5.28 6.30
C ARG B 314 -27.88 -6.76 6.65
N ALA B 315 -26.80 -7.35 6.15
CA ALA B 315 -26.49 -8.74 6.43
C ALA B 315 -25.19 -8.93 7.19
N GLY B 316 -24.28 -7.97 7.18
CA GLY B 316 -23.03 -8.10 7.88
C GLY B 316 -22.14 -6.91 7.61
N VAL B 317 -21.10 -6.80 8.42
CA VAL B 317 -20.15 -5.70 8.35
C VAL B 317 -18.78 -6.27 8.00
N LEU B 318 -18.08 -5.60 7.08
CA LEU B 318 -16.73 -5.98 6.69
C LEU B 318 -15.69 -5.05 7.30
N ALA B 319 -15.91 -4.65 8.56
CA ALA B 319 -14.97 -3.76 9.23
C ALA B 319 -13.61 -4.42 9.38
N GLY B 320 -12.59 -3.59 9.61
CA GLY B 320 -11.23 -4.09 9.68
C GLY B 320 -10.23 -3.13 9.06
N HIS B 321 -10.73 -2.02 8.53
CA HIS B 321 -9.89 -0.99 7.94
C HIS B 321 -9.70 0.16 8.91
N ASP B 322 -8.49 0.71 8.92
CA ASP B 322 -8.14 1.83 9.79
C ASP B 322 -8.52 3.18 9.19
N ASN B 323 -9.06 3.21 7.98
CA ASN B 323 -9.44 4.46 7.34
C ASN B 323 -10.55 4.16 6.34
N ARG B 324 -11.03 5.22 5.68
CA ARG B 324 -12.18 5.07 4.77
C ARG B 324 -11.80 4.23 3.56
N VAL B 325 -12.75 3.41 3.11
CA VAL B 325 -12.54 2.55 1.95
C VAL B 325 -12.82 3.36 0.69
N SER B 326 -12.04 3.08 -0.36
CA SER B 326 -12.17 3.81 -1.62
C SER B 326 -12.65 2.95 -2.77
N CYS B 327 -12.62 1.63 -2.66
CA CYS B 327 -13.06 0.77 -3.73
C CYS B 327 -13.40 -0.61 -3.17
N LEU B 328 -14.46 -1.21 -3.70
CA LEU B 328 -14.89 -2.54 -3.28
C LEU B 328 -15.50 -3.24 -4.49
N GLY B 329 -14.80 -4.24 -5.02
CA GLY B 329 -15.29 -4.96 -6.18
C GLY B 329 -15.13 -6.46 -6.07
N VAL B 330 -16.17 -7.21 -6.42
CA VAL B 330 -16.14 -8.67 -6.35
C VAL B 330 -15.50 -9.20 -7.62
N THR B 331 -15.15 -10.49 -7.61
CA THR B 331 -14.54 -11.13 -8.77
C THR B 331 -15.61 -11.47 -9.81
N ASP B 332 -15.14 -11.85 -11.00
CA ASP B 332 -16.06 -12.26 -12.06
C ASP B 332 -16.81 -13.53 -11.68
N ASP B 333 -16.11 -14.50 -11.11
CA ASP B 333 -16.76 -15.74 -10.67
C ASP B 333 -17.43 -15.60 -9.32
N GLY B 334 -17.31 -14.44 -8.67
CA GLY B 334 -17.97 -14.23 -7.40
C GLY B 334 -17.44 -15.08 -6.27
N MET B 335 -16.13 -15.27 -6.20
CA MET B 335 -15.54 -16.07 -5.13
C MET B 335 -15.00 -15.20 -3.99
N ALA B 336 -14.53 -14.00 -4.30
CA ALA B 336 -13.94 -13.11 -3.31
C ALA B 336 -14.53 -11.71 -3.44
N VAL B 337 -14.32 -10.91 -2.40
CA VAL B 337 -14.77 -9.52 -2.40
C VAL B 337 -13.60 -8.64 -1.96
N ALA B 338 -12.85 -8.11 -2.91
CA ALA B 338 -11.70 -7.28 -2.60
C ALA B 338 -12.16 -5.90 -2.10
N THR B 339 -11.32 -5.27 -1.30
CA THR B 339 -11.54 -3.91 -0.85
C THR B 339 -10.23 -3.14 -0.89
N GLY B 340 -10.36 -1.83 -1.06
CA GLY B 340 -9.23 -0.94 -0.95
C GLY B 340 -9.62 0.27 -0.13
N SER B 341 -8.62 0.87 0.51
CA SER B 341 -8.89 1.96 1.44
C SER B 341 -7.71 2.92 1.48
N TRP B 342 -7.91 4.03 2.18
CA TRP B 342 -6.88 5.05 2.33
C TRP B 342 -5.72 4.59 3.20
N ASP B 343 -5.84 3.45 3.88
CA ASP B 343 -4.80 2.96 4.77
C ASP B 343 -3.72 2.16 4.05
N SER B 344 -3.68 2.21 2.72
CA SER B 344 -2.66 1.56 1.90
C SER B 344 -2.71 0.04 1.98
N PHE B 345 -3.79 -0.53 2.50
CA PHE B 345 -3.95 -1.98 2.62
C PHE B 345 -5.16 -2.42 1.82
N LEU B 346 -5.00 -3.47 1.02
CA LEU B 346 -6.09 -4.09 0.28
C LEU B 346 -6.38 -5.44 0.91
N LYS B 347 -7.63 -5.64 1.32
CA LYS B 347 -8.05 -6.85 2.03
C LYS B 347 -8.97 -7.67 1.15
N ILE B 348 -8.73 -8.98 1.08
CA ILE B 348 -9.53 -9.89 0.27
C ILE B 348 -10.43 -10.67 1.22
N TRP B 349 -11.73 -10.44 1.12
CA TRP B 349 -12.69 -11.14 1.95
C TRP B 349 -13.26 -12.34 1.21
N ASN B 350 -13.92 -13.22 1.95
CA ASN B 350 -14.51 -14.43 1.37
C ASN B 350 -15.51 -15.06 2.33
N GLN C 69 20.13 -14.92 60.64
CA GLN C 69 20.57 -14.06 59.55
C GLN C 69 20.94 -14.86 58.32
N HIS C 70 21.05 -16.18 58.48
CA HIS C 70 21.39 -17.04 57.35
C HIS C 70 20.31 -17.00 56.28
N ARG C 71 19.04 -17.01 56.69
CA ARG C 71 17.95 -16.88 55.73
C ARG C 71 17.98 -15.51 55.05
N ARG C 72 18.32 -14.46 55.80
CA ARG C 72 18.42 -13.13 55.22
C ARG C 72 19.56 -13.05 54.20
N ASP C 73 20.57 -13.92 54.34
CA ASP C 73 21.62 -14.00 53.35
C ASP C 73 21.17 -14.76 52.10
N HIS C 74 20.27 -15.73 52.27
CA HIS C 74 19.87 -16.58 51.15
C HIS C 74 19.14 -15.78 50.08
N VAL C 75 18.28 -14.84 50.48
CA VAL C 75 17.47 -14.11 49.52
C VAL C 75 18.36 -13.25 48.65
N LEU C 76 18.13 -13.31 47.33
CA LEU C 76 18.91 -12.54 46.38
C LEU C 76 18.05 -12.35 45.13
N GLY C 77 17.60 -11.11 44.91
CA GLY C 77 16.81 -10.82 43.73
C GLY C 77 17.57 -11.08 42.46
N LEU C 78 16.86 -11.55 41.44
CA LEU C 78 17.51 -11.98 40.21
C LEU C 78 17.78 -10.79 39.30
N ALA C 79 18.37 -9.73 39.85
CA ALA C 79 18.77 -8.58 39.06
C ALA C 79 20.13 -8.01 39.45
N ARG C 80 20.78 -8.55 40.47
CA ARG C 80 22.09 -8.04 40.90
C ARG C 80 23.18 -8.54 39.97
N LEU D 74 8.82 -15.51 59.87
CA LEU D 74 8.51 -16.07 58.56
C LEU D 74 8.84 -15.07 57.45
N PHE D 75 8.58 -13.80 57.72
CA PHE D 75 8.82 -12.73 56.76
C PHE D 75 9.06 -11.43 57.51
N GLN D 76 9.31 -10.38 56.75
CA GLN D 76 9.39 -9.01 57.23
C GLN D 76 8.39 -8.13 56.50
N PRO D 77 7.90 -7.06 57.12
CA PRO D 77 6.95 -6.18 56.42
C PRO D 77 7.52 -5.61 55.13
N GLN D 78 8.82 -5.31 55.10
CA GLN D 78 9.44 -4.84 53.87
C GLN D 78 9.37 -5.89 52.78
N ASP D 79 9.64 -7.15 53.14
CA ASP D 79 9.62 -8.22 52.14
C ASP D 79 8.22 -8.44 51.59
N ILE D 80 7.20 -8.46 52.46
CA ILE D 80 5.83 -8.68 51.98
C ILE D 80 5.35 -7.49 51.17
N ALA D 81 5.74 -6.27 51.55
CA ALA D 81 5.40 -5.10 50.76
C ALA D 81 6.05 -5.16 49.39
N SER D 82 7.31 -5.59 49.33
CA SER D 82 7.99 -5.73 48.06
C SER D 82 7.31 -6.78 47.19
N MET D 83 6.91 -7.90 47.79
CA MET D 83 6.24 -8.95 47.02
C MET D 83 4.91 -8.46 46.48
N VAL D 84 4.13 -7.76 47.31
CA VAL D 84 2.83 -7.26 46.86
C VAL D 84 2.97 -6.22 45.76
N ILE D 85 3.94 -5.30 45.91
CA ILE D 85 4.11 -4.29 44.87
C ILE D 85 4.67 -4.93 43.59
N LEU D 86 5.49 -5.98 43.73
CA LEU D 86 5.95 -6.71 42.55
C LEU D 86 4.78 -7.36 41.82
N GLY D 87 3.86 -7.96 42.56
CA GLY D 87 2.70 -8.57 41.92
C GLY D 87 1.82 -7.53 41.23
N LEU D 88 1.55 -6.43 41.91
CA LEU D 88 0.73 -5.37 41.32
C LEU D 88 1.40 -4.79 40.08
N THR D 89 2.71 -4.56 40.15
CA THR D 89 3.46 -4.09 38.99
C THR D 89 3.40 -5.08 37.85
N CYS D 90 3.58 -6.37 38.15
CA CYS D 90 3.49 -7.39 37.11
C CYS D 90 2.15 -7.32 36.41
N LEU D 91 1.06 -7.32 37.17
CA LEU D 91 -0.27 -7.31 36.56
C LEU D 91 -0.48 -6.05 35.72
N LEU D 92 -0.25 -4.88 36.30
CA LEU D 92 -0.53 -3.63 35.60
C LEU D 92 0.36 -3.46 34.38
N GLY D 93 1.67 -3.68 34.54
CA GLY D 93 2.57 -3.53 33.42
C GLY D 93 2.32 -4.53 32.31
N LEU D 94 2.04 -5.79 32.67
CA LEU D 94 1.72 -6.76 31.63
C LEU D 94 0.48 -6.35 30.86
N LEU D 95 -0.59 -5.94 31.57
CA LEU D 95 -1.79 -5.52 30.86
C LEU D 95 -1.52 -4.33 29.94
N GLY D 96 -0.90 -3.27 30.47
CA GLY D 96 -0.69 -2.09 29.67
C GLY D 96 0.25 -2.33 28.50
N ASN D 97 1.37 -3.00 28.74
CA ASN D 97 2.34 -3.27 27.69
C ASN D 97 1.76 -4.18 26.61
N GLY D 98 1.01 -5.21 27.01
CA GLY D 98 0.36 -6.04 26.01
C GLY D 98 -0.62 -5.26 25.17
N LEU D 99 -1.42 -4.40 25.81
CA LEU D 99 -2.38 -3.59 25.06
C LEU D 99 -1.67 -2.70 24.04
N VAL D 100 -0.66 -1.96 24.49
CA VAL D 100 -0.01 -0.99 23.60
C VAL D 100 0.76 -1.72 22.50
N LEU D 101 1.43 -2.82 22.83
CA LEU D 101 2.19 -3.56 21.83
C LEU D 101 1.26 -4.15 20.77
N TRP D 102 0.14 -4.74 21.21
CA TRP D 102 -0.81 -5.30 20.24
C TRP D 102 -1.39 -4.20 19.36
N VAL D 103 -1.75 -3.06 19.94
CA VAL D 103 -2.31 -1.96 19.15
C VAL D 103 -1.31 -1.48 18.13
N ALA D 104 -0.06 -1.26 18.55
CA ALA D 104 0.96 -0.75 17.64
C ALA D 104 1.33 -1.77 16.57
N GLY D 105 1.25 -3.07 16.89
CA GLY D 105 1.64 -4.09 15.93
C GLY D 105 0.53 -4.51 14.98
N VAL D 106 -0.73 -4.23 15.33
CA VAL D 106 -1.83 -4.65 14.48
C VAL D 106 -2.57 -3.44 13.93
N LYS D 107 -3.13 -2.62 14.82
CA LYS D 107 -4.01 -1.54 14.43
C LYS D 107 -3.27 -0.25 14.04
N MET D 108 -1.95 -0.24 14.11
CA MET D 108 -1.18 0.96 13.81
C MET D 108 -0.03 0.62 12.88
N LYS D 109 0.39 1.61 12.11
CA LYS D 109 1.52 1.48 11.20
C LYS D 109 2.82 1.79 11.94
N THR D 110 3.94 1.47 11.29
CA THR D 110 5.27 1.68 11.88
C THR D 110 5.85 2.96 11.27
N THR D 111 5.45 4.09 11.85
CA THR D 111 5.96 5.37 11.41
C THR D 111 7.33 5.64 12.02
N VAL D 112 7.92 6.78 11.65
CA VAL D 112 9.21 7.18 12.19
C VAL D 112 9.16 7.55 13.67
N ASN D 113 7.96 7.76 14.21
CA ASN D 113 7.81 8.16 15.60
C ASN D 113 7.38 7.03 16.52
N THR D 114 6.49 6.15 16.07
CA THR D 114 6.04 5.04 16.91
C THR D 114 7.01 3.87 16.94
N VAL D 115 8.06 3.91 16.13
CA VAL D 115 9.05 2.83 16.11
C VAL D 115 9.79 2.75 17.45
N TRP D 116 10.15 3.90 18.03
CA TRP D 116 10.83 3.90 19.32
C TRP D 116 9.93 3.34 20.41
N PHE D 117 8.66 3.78 20.43
CA PHE D 117 7.75 3.35 21.49
C PHE D 117 7.45 1.85 21.40
N LEU D 118 7.34 1.33 20.18
CA LEU D 118 7.12 -0.11 20.01
C LEU D 118 8.31 -0.91 20.56
N HIS D 119 9.53 -0.46 20.26
CA HIS D 119 10.70 -1.12 20.83
C HIS D 119 10.76 -0.95 22.34
N LEU D 120 10.44 0.24 22.84
CA LEU D 120 10.50 0.49 24.27
C LEU D 120 9.51 -0.38 25.03
N THR D 121 8.27 -0.49 24.52
CA THR D 121 7.28 -1.31 25.20
C THR D 121 7.57 -2.80 25.02
N LEU D 122 8.35 -3.17 24.01
CA LEU D 122 8.73 -4.56 23.85
C LEU D 122 9.68 -5.00 24.96
N ALA D 123 10.70 -4.18 25.24
CA ALA D 123 11.59 -4.48 26.34
C ALA D 123 10.87 -4.44 27.68
N ASP D 124 9.99 -3.45 27.87
CA ASP D 124 9.25 -3.34 29.11
C ASP D 124 8.32 -4.53 29.32
N PHE D 125 7.64 -4.96 28.26
CA PHE D 125 6.77 -6.13 28.37
C PHE D 125 7.57 -7.38 28.71
N LEU D 126 8.75 -7.54 28.10
CA LEU D 126 9.60 -8.69 28.42
C LEU D 126 10.05 -8.66 29.86
N CYS D 127 10.44 -7.47 30.35
CA CYS D 127 10.85 -7.34 31.75
C CYS D 127 9.68 -7.63 32.68
N CYS D 128 8.48 -7.13 32.35
CA CYS D 128 7.32 -7.37 33.18
C CYS D 128 6.94 -8.85 33.19
N LEU D 129 7.04 -9.52 32.04
CA LEU D 129 6.70 -10.94 31.97
C LEU D 129 7.67 -11.80 32.77
N SER D 130 8.95 -11.41 32.83
CA SER D 130 9.92 -12.19 33.57
C SER D 130 9.88 -11.87 35.06
N LEU D 131 9.17 -10.82 35.45
CA LEU D 131 9.12 -10.41 36.85
C LEU D 131 8.54 -11.46 37.80
N PRO D 132 7.43 -12.14 37.51
CA PRO D 132 6.90 -13.12 38.47
C PRO D 132 7.86 -14.25 38.81
N PHE D 133 8.80 -14.57 37.92
CA PHE D 133 9.80 -15.60 38.23
C PHE D 133 10.63 -15.19 39.44
N SER D 134 11.06 -13.93 39.48
CA SER D 134 11.78 -13.43 40.65
C SER D 134 10.85 -13.26 41.84
N LEU D 135 9.57 -12.95 41.59
CA LEU D 135 8.60 -12.86 42.68
C LEU D 135 8.43 -14.21 43.36
N ALA D 136 8.35 -15.28 42.57
CA ALA D 136 8.26 -16.62 43.15
C ALA D 136 9.54 -16.98 43.90
N HIS D 137 10.69 -16.52 43.40
CA HIS D 137 11.95 -16.77 44.10
C HIS D 137 11.95 -16.14 45.49
N LEU D 138 11.40 -14.93 45.60
CA LEU D 138 11.25 -14.30 46.92
C LEU D 138 10.27 -15.09 47.79
N ILE D 139 9.17 -15.56 47.21
CA ILE D 139 8.21 -16.35 47.97
C ILE D 139 8.83 -17.66 48.44
N LEU D 140 9.61 -18.31 47.58
CA LEU D 140 10.28 -19.56 47.94
C LEU D 140 11.55 -19.33 48.76
N GLN D 141 11.98 -18.07 48.93
CA GLN D 141 13.17 -17.72 49.71
C GLN D 141 14.40 -18.47 49.19
N GLY D 142 14.60 -18.42 47.87
CA GLY D 142 15.70 -19.13 47.25
C GLY D 142 15.33 -20.56 46.92
N HIS D 143 16.26 -21.49 47.11
CA HIS D 143 16.04 -22.91 46.85
C HIS D 143 15.59 -23.13 45.41
N TRP D 144 16.51 -22.82 44.48
CA TRP D 144 16.28 -22.86 43.04
C TRP D 144 15.70 -24.20 42.61
N PRO D 145 14.43 -24.25 42.20
CA PRO D 145 13.82 -25.52 41.81
C PRO D 145 14.14 -25.91 40.38
N TYR D 146 14.45 -24.93 39.54
CA TYR D 146 14.69 -25.17 38.13
C TYR D 146 16.11 -25.69 37.93
N GLY D 147 16.54 -25.77 36.67
CA GLY D 147 17.84 -26.32 36.34
C GLY D 147 18.92 -25.26 36.23
N LEU D 148 20.11 -25.71 35.82
CA LEU D 148 21.25 -24.82 35.65
C LEU D 148 21.02 -23.86 34.49
N PHE D 149 20.38 -24.33 33.42
CA PHE D 149 20.15 -23.48 32.26
C PHE D 149 19.30 -22.27 32.62
N LEU D 150 18.24 -22.48 33.40
CA LEU D 150 17.42 -21.35 33.82
C LEU D 150 18.16 -20.45 34.80
N CYS D 151 18.91 -21.05 35.74
CA CYS D 151 19.73 -20.27 36.67
C CYS D 151 20.75 -19.39 35.93
N LYS D 152 21.14 -19.78 34.73
CA LYS D 152 22.06 -18.95 33.95
C LYS D 152 21.33 -17.97 33.03
N LEU D 153 20.14 -18.33 32.53
CA LEU D 153 19.48 -17.54 31.50
C LEU D 153 18.53 -16.48 32.07
N ILE D 154 17.77 -16.80 33.12
CA ILE D 154 16.77 -15.86 33.63
C ILE D 154 17.39 -14.53 34.07
N PRO D 155 18.47 -14.50 34.86
CA PRO D 155 19.07 -13.19 35.18
C PRO D 155 19.51 -12.43 33.94
N SER D 156 20.07 -13.12 32.95
CA SER D 156 20.49 -12.44 31.73
C SER D 156 19.30 -11.83 31.01
N ILE D 157 18.20 -12.56 30.91
CA ILE D 157 17.01 -12.04 30.24
C ILE D 157 16.48 -10.82 30.98
N ILE D 158 16.41 -10.90 32.31
CA ILE D 158 15.84 -9.80 33.09
C ILE D 158 16.71 -8.55 32.95
N ILE D 159 18.02 -8.71 33.11
CA ILE D 159 18.91 -7.55 33.03
C ILE D 159 18.93 -6.98 31.62
N LEU D 160 18.87 -7.84 30.60
CA LEU D 160 18.83 -7.36 29.23
C LEU D 160 17.57 -6.55 28.98
N ASN D 161 16.42 -7.02 29.46
CA ASN D 161 15.18 -6.27 29.27
C ASN D 161 15.25 -4.92 29.98
N MET D 162 15.74 -4.90 31.22
CA MET D 162 15.81 -3.64 31.96
C MET D 162 16.73 -2.64 31.28
N PHE D 163 17.92 -3.09 30.87
CA PHE D 163 18.86 -2.17 30.26
C PHE D 163 18.41 -1.75 28.87
N ALA D 164 17.73 -2.63 28.13
CA ALA D 164 17.14 -2.22 26.86
C ALA D 164 16.11 -1.13 27.07
N SER D 165 15.28 -1.26 28.13
CA SER D 165 14.30 -0.22 28.43
C SER D 165 14.99 1.10 28.73
N VAL D 166 16.03 1.08 29.55
CA VAL D 166 16.72 2.31 29.93
C VAL D 166 17.35 2.96 28.70
N PHE D 167 18.06 2.18 27.90
CA PHE D 167 18.74 2.74 26.75
C PHE D 167 17.77 3.20 25.68
N LEU D 168 16.60 2.56 25.58
CA LEU D 168 15.58 3.04 24.65
C LEU D 168 14.98 4.35 25.14
N LEU D 169 14.83 4.53 26.45
CA LEU D 169 14.41 5.83 26.97
C LEU D 169 15.43 6.91 26.59
N THR D 170 16.72 6.59 26.74
CA THR D 170 17.76 7.55 26.37
C THR D 170 17.71 7.85 24.88
N ALA D 171 17.51 6.83 24.06
CA ALA D 171 17.43 7.03 22.61
C ALA D 171 16.23 7.90 22.24
N ILE D 172 15.10 7.70 22.91
CA ILE D 172 13.92 8.52 22.65
C ILE D 172 14.21 9.97 23.00
N SER D 173 14.88 10.21 24.13
CA SER D 173 15.23 11.59 24.49
C SER D 173 16.16 12.21 23.46
N LEU D 174 17.15 11.44 22.98
CA LEU D 174 18.05 11.94 21.96
C LEU D 174 17.31 12.27 20.67
N ASP D 175 16.37 11.42 20.26
CA ASP D 175 15.58 11.68 19.07
C ASP D 175 14.74 12.94 19.24
N ARG D 176 14.14 13.13 20.41
CA ARG D 176 13.36 14.33 20.66
C ARG D 176 14.22 15.58 20.59
N CYS D 177 15.45 15.51 21.11
CA CYS D 177 16.37 16.64 20.98
C CYS D 177 16.75 16.90 19.53
N LEU D 178 17.00 15.84 18.77
CA LEU D 178 17.46 16.00 17.40
C LEU D 178 16.37 16.55 16.48
N ILE D 179 15.10 16.16 16.70
CA ILE D 179 14.02 16.68 15.86
C ILE D 179 13.69 18.13 16.17
N VAL D 180 14.40 18.75 17.12
CA VAL D 180 14.21 20.16 17.43
C VAL D 180 15.44 20.99 17.11
N HIS D 181 16.63 20.47 17.40
CA HIS D 181 17.85 21.22 17.15
C HIS D 181 18.40 21.05 15.74
N LYS D 182 17.75 20.27 14.89
CA LYS D 182 18.18 20.14 13.50
C LYS D 182 17.03 19.66 12.63
N PRO D 183 15.99 20.47 12.43
CA PRO D 183 14.87 20.04 11.58
C PRO D 183 15.26 19.78 10.14
N ILE D 184 16.23 20.54 9.60
CA ILE D 184 16.64 20.34 8.21
C ILE D 184 17.23 18.95 8.02
N TRP D 185 18.12 18.55 8.93
CA TRP D 185 18.75 17.25 8.83
C TRP D 185 17.76 16.12 9.04
N CYS D 186 16.79 16.32 9.94
CA CYS D 186 15.81 15.28 10.21
C CYS D 186 14.93 14.98 9.00
N GLN D 187 14.52 16.02 8.27
CA GLN D 187 13.62 15.81 7.14
C GLN D 187 14.25 14.96 6.05
N ASN D 188 15.58 14.85 6.03
CA ASN D 188 16.26 14.06 5.01
C ASN D 188 16.58 12.64 5.48
N HIS D 189 17.28 12.51 6.60
CA HIS D 189 17.89 11.23 6.98
C HIS D 189 17.18 10.54 8.14
N ARG D 190 16.04 11.04 8.59
CA ARG D 190 15.29 10.38 9.65
C ARG D 190 14.23 9.45 9.06
N ASN D 191 14.71 8.44 8.35
CA ASN D 191 13.83 7.44 7.76
C ASN D 191 13.52 6.36 8.79
N VAL D 192 12.61 5.47 8.42
CA VAL D 192 12.24 4.39 9.33
C VAL D 192 13.39 3.40 9.50
N ARG D 193 14.14 3.15 8.41
CA ARG D 193 15.23 2.19 8.45
C ARG D 193 16.30 2.62 9.44
N THR D 194 16.62 3.91 9.46
CA THR D 194 17.59 4.42 10.42
C THR D 194 17.10 4.22 11.86
N ALA D 195 15.79 4.37 12.07
CA ALA D 195 15.23 4.15 13.41
C ALA D 195 15.39 2.69 13.84
N PHE D 196 15.07 1.73 12.96
CA PHE D 196 15.36 0.34 13.29
C PHE D 196 16.85 0.09 13.50
N ALA D 197 17.70 0.73 12.71
CA ALA D 197 19.14 0.51 12.88
C ALA D 197 19.61 0.99 14.26
N ILE D 198 19.16 2.17 14.68
CA ILE D 198 19.56 2.68 15.98
C ILE D 198 19.00 1.79 17.10
N CYS D 199 17.74 1.37 16.97
CA CYS D 199 17.16 0.49 17.98
C CYS D 199 17.90 -0.83 18.07
N GLY D 200 18.29 -1.39 16.92
CA GLY D 200 19.07 -2.62 16.92
C GLY D 200 20.42 -2.44 17.58
N CYS D 201 21.08 -1.31 17.31
CA CYS D 201 22.35 -1.03 17.98
C CYS D 201 22.17 -0.93 19.49
N VAL D 202 21.06 -0.33 19.92
CA VAL D 202 20.77 -0.23 21.35
C VAL D 202 20.60 -1.62 21.95
N TRP D 203 19.86 -2.49 21.27
CA TRP D 203 19.67 -3.86 21.75
C TRP D 203 21.00 -4.59 21.81
N VAL D 204 21.87 -4.38 20.82
CA VAL D 204 23.17 -5.02 20.79
C VAL D 204 24.02 -4.56 21.98
N VAL D 205 23.99 -3.26 22.27
CA VAL D 205 24.72 -2.73 23.42
C VAL D 205 24.20 -3.36 24.71
N ALA D 206 22.87 -3.48 24.82
CA ALA D 206 22.30 -4.09 26.01
C ALA D 206 22.75 -5.54 26.16
N PHE D 207 22.75 -6.29 25.06
CA PHE D 207 23.18 -7.69 25.11
C PHE D 207 24.66 -7.79 25.48
N VAL D 208 25.49 -6.90 24.93
CA VAL D 208 26.92 -6.94 25.24
C VAL D 208 27.16 -6.62 26.71
N MET D 209 26.37 -5.70 27.27
CA MET D 209 26.52 -5.37 28.67
C MET D 209 25.95 -6.44 29.60
N CYS D 210 24.94 -7.19 29.15
CA CYS D 210 24.28 -8.19 29.97
C CYS D 210 24.78 -9.61 29.73
N VAL D 211 25.74 -9.80 28.85
CA VAL D 211 26.40 -11.10 28.71
C VAL D 211 27.11 -11.56 29.99
N PRO D 212 27.85 -10.69 30.69
CA PRO D 212 28.62 -11.19 31.86
C PRO D 212 27.79 -11.85 32.94
N VAL D 213 26.55 -11.41 33.18
CA VAL D 213 25.72 -12.08 34.18
C VAL D 213 25.39 -13.49 33.72
N PHE D 214 25.17 -13.68 32.42
CA PHE D 214 24.98 -15.02 31.89
C PHE D 214 26.25 -15.86 32.05
N VAL D 215 27.41 -15.27 31.77
CA VAL D 215 28.65 -16.03 31.77
C VAL D 215 29.02 -16.46 33.19
N TYR D 216 28.98 -15.54 34.14
CA TYR D 216 29.51 -15.80 35.48
C TYR D 216 28.50 -16.46 36.41
N ARG D 217 27.24 -16.59 36.00
CA ARG D 217 26.25 -17.25 36.84
C ARG D 217 26.39 -18.77 36.72
N ASP D 218 26.29 -19.45 37.86
CA ASP D 218 26.40 -20.90 37.88
C ASP D 218 25.46 -21.45 38.94
N LEU D 219 25.05 -22.70 38.75
CA LEU D 219 24.19 -23.40 39.71
C LEU D 219 25.04 -24.28 40.61
N PHE D 220 24.83 -24.14 41.91
CA PHE D 220 25.51 -24.97 42.90
C PHE D 220 24.49 -25.42 43.94
N ILE D 221 24.93 -26.32 44.82
CA ILE D 221 24.10 -26.74 45.94
C ILE D 221 24.84 -26.47 47.23
N MET D 222 25.97 -27.16 47.42
CA MET D 222 26.88 -26.95 48.56
C MET D 222 26.16 -26.97 49.90
N ASP D 223 24.98 -27.56 49.98
CA ASP D 223 24.16 -27.57 51.18
C ASP D 223 23.05 -28.60 50.98
N ASN D 224 22.06 -28.57 51.86
CA ASN D 224 20.86 -29.37 51.69
C ASN D 224 19.82 -28.70 50.80
N ARG D 225 20.09 -27.49 50.32
CA ARG D 225 19.17 -26.74 49.48
C ARG D 225 19.91 -26.20 48.27
N SER D 226 19.14 -25.98 47.19
CA SER D 226 19.70 -25.45 45.95
C SER D 226 19.99 -23.96 46.09
N ILE D 227 21.07 -23.50 45.46
CA ILE D 227 21.48 -22.11 45.49
C ILE D 227 21.90 -21.68 44.10
N CYS D 228 21.42 -20.52 43.65
CA CYS D 228 21.71 -19.97 42.33
C CYS D 228 22.51 -18.68 42.55
N ARG D 229 23.80 -18.74 42.27
CA ARG D 229 24.71 -17.63 42.55
C ARG D 229 25.61 -17.41 41.33
N TYR D 230 26.68 -16.63 41.65
CA TYR D 230 27.73 -16.36 40.63
C TYR D 230 29.06 -16.99 41.02
N VAL D 378 34.93 -9.46 48.80
CA VAL D 378 34.14 -9.28 47.59
C VAL D 378 34.97 -9.63 46.36
N PRO D 379 34.38 -10.41 45.45
CA PRO D 379 35.12 -10.79 44.24
C PRO D 379 35.40 -9.59 43.35
N THR D 380 36.62 -9.54 42.83
CA THR D 380 36.98 -8.47 41.91
C THR D 380 36.14 -8.44 40.62
N PRO D 381 35.85 -9.57 39.95
CA PRO D 381 34.97 -9.48 38.78
C PRO D 381 33.60 -8.90 39.11
N LEU D 382 33.06 -9.25 40.27
CA LEU D 382 31.77 -8.69 40.68
C LEU D 382 31.86 -7.18 40.86
N MET D 383 32.93 -6.71 41.49
CA MET D 383 33.14 -5.28 41.67
C MET D 383 33.23 -4.57 40.32
N ALA D 384 34.03 -5.12 39.41
CA ALA D 384 34.20 -4.50 38.10
C ALA D 384 32.88 -4.45 37.33
N ILE D 385 32.14 -5.56 37.34
CA ILE D 385 30.90 -5.62 36.59
C ILE D 385 29.85 -4.70 37.19
N THR D 386 29.81 -4.58 38.53
CA THR D 386 28.82 -3.70 39.13
C THR D 386 29.19 -2.23 38.92
N ILE D 387 30.48 -1.89 38.90
CA ILE D 387 30.86 -0.51 38.63
C ILE D 387 30.54 -0.12 37.19
N THR D 388 30.90 -0.98 36.23
CA THR D 388 30.58 -0.65 34.84
C THR D 388 29.07 -0.67 34.60
N ARG D 389 28.35 -1.55 35.30
CA ARG D 389 26.89 -1.53 35.24
C ARG D 389 26.34 -0.21 35.74
N LEU D 390 26.77 0.23 36.93
CA LEU D 390 26.31 1.49 37.47
C LEU D 390 26.56 2.62 36.47
N VAL D 391 27.78 2.74 35.98
CA VAL D 391 28.13 3.83 35.08
C VAL D 391 27.23 3.77 33.85
N VAL D 392 27.37 2.70 33.06
CA VAL D 392 26.75 2.64 31.74
C VAL D 392 25.23 2.70 31.84
N GLY D 393 24.64 1.95 32.77
CA GLY D 393 23.20 1.89 32.86
C GLY D 393 22.53 2.95 33.68
N PHE D 394 23.28 3.80 34.41
CA PHE D 394 22.53 4.80 35.15
C PHE D 394 23.05 6.22 34.96
N LEU D 395 24.35 6.42 34.86
CA LEU D 395 24.86 7.79 34.89
C LEU D 395 24.83 8.44 33.52
N VAL D 396 25.36 7.74 32.51
CA VAL D 396 25.26 8.26 31.14
C VAL D 396 23.81 8.42 30.69
N PRO D 397 22.92 7.45 30.89
CA PRO D 397 21.51 7.69 30.51
C PRO D 397 20.89 8.88 31.22
N PHE D 398 21.10 8.99 32.54
CA PHE D 398 20.52 10.10 33.29
C PHE D 398 21.06 11.44 32.80
N PHE D 399 22.39 11.53 32.64
CA PHE D 399 23.01 12.76 32.21
C PHE D 399 22.54 13.16 30.82
N ILE D 400 22.49 12.19 29.90
CA ILE D 400 22.07 12.46 28.53
C ILE D 400 20.62 12.93 28.51
N MET D 401 19.76 12.24 29.26
CA MET D 401 18.34 12.62 29.29
C MET D 401 18.17 14.02 29.85
N VAL D 402 18.83 14.32 30.96
CA VAL D 402 18.70 15.63 31.58
C VAL D 402 19.22 16.72 30.66
N ILE D 403 20.39 16.50 30.05
CA ILE D 403 20.98 17.51 29.17
C ILE D 403 20.08 17.75 27.97
N CYS D 404 19.59 16.68 27.35
CA CYS D 404 18.77 16.84 26.16
C CYS D 404 17.45 17.53 26.48
N TYR D 405 16.79 17.15 27.56
CA TYR D 405 15.51 17.78 27.88
C TYR D 405 15.69 19.23 28.31
N SER D 406 16.77 19.52 29.05
CA SER D 406 17.06 20.90 29.40
C SER D 406 17.35 21.74 28.16
N LEU D 407 18.08 21.18 27.20
CA LEU D 407 18.35 21.90 25.96
C LEU D 407 17.07 22.14 25.18
N ILE D 408 16.18 21.15 25.14
CA ILE D 408 14.90 21.32 24.46
C ILE D 408 14.10 22.45 25.11
N VAL D 409 13.95 22.41 26.44
CA VAL D 409 13.14 23.43 27.10
C VAL D 409 13.82 24.80 27.06
N PHE D 410 15.14 24.85 26.90
CA PHE D 410 15.81 26.12 26.68
C PHE D 410 15.53 26.65 25.29
N ARG D 411 15.40 25.74 24.31
CA ARG D 411 15.03 26.17 22.96
C ARG D 411 13.57 26.63 22.91
N MET D 412 12.69 26.00 23.68
CA MET D 412 11.27 26.32 23.62
C MET D 412 10.96 27.75 24.04
N ARG D 413 11.62 28.23 25.09
CA ARG D 413 11.28 29.55 25.63
C ARG D 413 11.72 30.69 24.71
N LYS D 414 12.49 30.39 23.66
CA LYS D 414 13.03 31.46 22.82
C LYS D 414 11.96 32.09 21.93
N THR D 415 11.42 31.32 20.99
CA THR D 415 10.48 31.83 20.00
C THR D 415 9.65 30.67 19.46
N ASN D 416 8.51 31.03 18.86
CA ASN D 416 7.73 30.12 18.02
C ASN D 416 7.17 28.93 18.80
N PHE D 417 7.32 28.92 20.11
CA PHE D 417 6.80 27.84 20.95
C PHE D 417 5.91 28.37 22.06
N THR D 418 5.13 29.41 21.76
CA THR D 418 4.20 29.96 22.75
C THR D 418 3.14 28.93 23.13
N LYS D 419 2.61 28.20 22.16
CA LYS D 419 1.66 27.14 22.44
C LYS D 419 2.30 25.99 23.21
N SER D 420 3.61 25.83 23.10
CA SER D 420 4.34 24.81 23.85
C SER D 420 4.83 25.41 25.17
N ARG D 421 5.77 24.71 25.81
CA ARG D 421 6.38 25.06 27.09
C ARG D 421 5.41 24.92 28.26
N ASN D 422 4.22 24.37 28.03
CA ASN D 422 3.30 24.01 29.11
C ASN D 422 3.13 22.50 29.22
N LYS D 423 2.77 21.84 28.12
CA LYS D 423 2.76 20.38 28.11
C LYS D 423 4.16 19.80 28.06
N THR D 424 5.03 20.41 27.25
CA THR D 424 6.38 19.86 27.04
C THR D 424 7.18 19.89 28.33
N PHE D 425 7.19 21.02 29.04
CA PHE D 425 7.96 21.12 30.28
C PHE D 425 7.44 20.16 31.33
N ARG D 426 6.11 20.07 31.47
CA ARG D 426 5.52 19.16 32.46
C ARG D 426 5.88 17.71 32.14
N VAL D 427 5.77 17.33 30.87
CA VAL D 427 6.11 15.96 30.47
C VAL D 427 7.58 15.68 30.75
N ALA D 428 8.46 16.63 30.40
CA ALA D 428 9.89 16.43 30.59
C ALA D 428 10.23 16.25 32.06
N VAL D 429 9.70 17.13 32.91
CA VAL D 429 10.03 17.04 34.33
C VAL D 429 9.44 15.77 34.94
N ALA D 430 8.23 15.38 34.52
CA ALA D 430 7.63 14.16 35.03
C ALA D 430 8.45 12.94 34.65
N VAL D 431 8.87 12.86 33.38
CA VAL D 431 9.66 11.72 32.93
C VAL D 431 10.99 11.65 33.67
N VAL D 432 11.68 12.79 33.76
CA VAL D 432 12.99 12.78 34.42
C VAL D 432 12.84 12.41 35.89
N THR D 433 11.84 12.98 36.57
CA THR D 433 11.63 12.66 37.98
C THR D 433 11.32 11.18 38.17
N VAL D 434 10.45 10.63 37.33
CA VAL D 434 10.07 9.22 37.47
C VAL D 434 11.28 8.33 37.26
N PHE D 435 12.06 8.59 36.20
CA PHE D 435 13.22 7.77 35.93
C PHE D 435 14.25 7.86 37.05
N PHE D 436 14.48 9.07 37.56
CA PHE D 436 15.47 9.27 38.61
C PHE D 436 15.05 8.56 39.89
N ILE D 437 13.80 8.75 40.31
CA ILE D 437 13.35 8.12 41.55
C ILE D 437 13.22 6.62 41.40
N CYS D 438 13.05 6.12 40.17
CA CYS D 438 12.94 4.68 39.97
C CYS D 438 14.28 3.99 39.88
N TRP D 439 15.33 4.67 39.40
CA TRP D 439 16.62 4.01 39.26
C TRP D 439 17.65 4.40 40.30
N THR D 440 17.40 5.45 41.09
CA THR D 440 18.35 5.79 42.16
C THR D 440 18.45 4.72 43.23
N PRO D 441 17.36 4.20 43.81
CA PRO D 441 17.52 3.20 44.88
C PRO D 441 18.24 1.95 44.44
N TYR D 442 18.04 1.51 43.19
CA TYR D 442 18.66 0.28 42.69
C TYR D 442 20.18 0.37 42.79
N HIS D 443 20.79 1.30 42.06
CA HIS D 443 22.24 1.41 42.09
C HIS D 443 22.74 1.96 43.42
N LEU D 444 21.90 2.70 44.15
CA LEU D 444 22.30 3.15 45.49
C LEU D 444 22.57 1.96 46.40
N VAL D 445 21.61 1.03 46.49
CA VAL D 445 21.83 -0.15 47.31
C VAL D 445 22.89 -1.04 46.69
N GLY D 446 23.01 -1.06 45.36
CA GLY D 446 24.05 -1.84 44.74
C GLY D 446 25.45 -1.39 45.13
N VAL D 447 25.65 -0.07 45.22
CA VAL D 447 26.91 0.48 45.68
C VAL D 447 27.10 0.34 47.18
N LEU D 448 26.03 0.53 47.97
CA LEU D 448 26.16 0.40 49.41
C LEU D 448 26.53 -1.02 49.82
N LEU D 449 25.91 -2.02 49.18
CA LEU D 449 26.23 -3.41 49.51
C LEU D 449 27.69 -3.73 49.21
N LEU D 450 28.20 -3.23 48.08
CA LEU D 450 29.60 -3.45 47.74
C LEU D 450 30.53 -2.73 48.70
N ILE D 451 30.18 -1.49 49.08
CA ILE D 451 31.07 -0.67 49.90
C ILE D 451 30.92 -0.92 51.39
N THR D 452 29.88 -1.64 51.82
CA THR D 452 29.66 -1.94 53.23
C THR D 452 29.54 -3.45 53.40
N ASP D 453 30.39 -4.02 54.25
CA ASP D 453 30.37 -5.45 54.49
C ASP D 453 29.13 -5.85 55.27
N PRO D 454 28.75 -7.13 55.21
CA PRO D 454 27.64 -7.61 56.06
C PRO D 454 28.01 -7.60 57.53
N GLU D 455 27.10 -8.12 58.37
CA GLU D 455 27.27 -8.15 59.83
C GLU D 455 27.34 -6.72 60.39
N SER D 456 26.41 -5.87 59.96
CA SER D 456 26.32 -4.52 60.45
C SER D 456 24.87 -4.04 60.29
N SER D 457 24.51 -3.04 61.10
CA SER D 457 23.15 -2.51 61.03
C SER D 457 22.88 -1.88 59.66
N LEU D 458 23.84 -1.12 59.14
CA LEU D 458 23.68 -0.54 57.81
C LEU D 458 23.58 -1.62 56.75
N GLY D 459 24.42 -2.66 56.85
CA GLY D 459 24.34 -3.76 55.91
C GLY D 459 23.01 -4.49 55.99
N GLU D 460 22.50 -4.69 57.21
CA GLU D 460 21.21 -5.36 57.36
C GLU D 460 20.09 -4.51 56.76
N ALA D 461 20.13 -3.19 56.97
CA ALA D 461 19.12 -2.32 56.37
C ALA D 461 19.21 -2.35 54.85
N VAL D 462 20.43 -2.35 54.30
CA VAL D 462 20.60 -2.41 52.86
C VAL D 462 20.04 -3.71 52.31
N MET D 463 20.32 -4.82 53.00
CA MET D 463 19.78 -6.12 52.58
C MET D 463 18.26 -6.11 52.64
N SER D 464 17.69 -5.51 53.69
CA SER D 464 16.24 -5.48 53.83
C SER D 464 15.58 -4.66 52.72
N TRP D 465 16.18 -3.53 52.36
CA TRP D 465 15.57 -2.65 51.36
C TRP D 465 16.00 -2.97 49.93
N ASP D 466 16.90 -3.95 49.75
CA ASP D 466 17.30 -4.33 48.39
C ASP D 466 16.11 -4.85 47.59
N HIS D 467 15.25 -5.64 48.23
CA HIS D 467 14.08 -6.16 47.53
C HIS D 467 13.13 -5.03 47.13
N MET D 468 12.95 -4.04 48.00
CA MET D 468 12.13 -2.88 47.65
C MET D 468 12.75 -2.11 46.48
N SER D 469 14.09 -1.98 46.48
CA SER D 469 14.76 -1.31 45.37
C SER D 469 14.54 -2.05 44.07
N ILE D 470 14.66 -3.38 44.09
CA ILE D 470 14.42 -4.18 42.89
C ILE D 470 12.97 -4.01 42.44
N ALA D 471 12.04 -3.99 43.39
CA ALA D 471 10.62 -3.83 43.04
C ALA D 471 10.38 -2.49 42.38
N LEU D 472 10.99 -1.42 42.87
CA LEU D 472 10.81 -0.12 42.27
C LEU D 472 11.46 -0.04 40.89
N ALA D 473 12.65 -0.63 40.74
CA ALA D 473 13.30 -0.66 39.44
C ALA D 473 12.48 -1.42 38.41
N SER D 474 11.76 -2.45 38.86
CA SER D 474 10.84 -3.14 37.97
C SER D 474 9.56 -2.34 37.74
N ALA D 475 9.13 -1.56 38.74
CA ALA D 475 7.94 -0.73 38.58
C ALA D 475 8.17 0.38 37.56
N ASN D 476 9.42 0.77 37.36
CA ASN D 476 9.73 1.68 36.27
C ASN D 476 9.24 1.13 34.93
N SER D 477 9.38 -0.19 34.75
CA SER D 477 8.93 -0.82 33.50
C SER D 477 7.42 -0.66 33.32
N CYS D 478 6.65 -0.83 34.40
CA CYS D 478 5.21 -0.62 34.30
C CYS D 478 4.87 0.85 34.09
N PHE D 479 5.65 1.76 34.67
CA PHE D 479 5.37 3.18 34.53
C PHE D 479 5.66 3.68 33.11
N ASN D 480 6.65 3.08 32.44
CA ASN D 480 7.09 3.59 31.14
C ASN D 480 5.99 3.70 30.08
N PRO D 481 5.14 2.69 29.84
CA PRO D 481 4.10 2.86 28.82
C PRO D 481 3.10 3.94 29.14
N PHE D 482 2.79 4.15 30.42
CA PHE D 482 1.83 5.18 30.80
C PHE D 482 2.39 6.60 30.68
N LEU D 483 3.69 6.75 30.45
CA LEU D 483 4.30 8.05 30.28
C LEU D 483 4.79 8.32 28.87
N TYR D 484 5.21 7.29 28.13
CA TYR D 484 5.73 7.48 26.78
C TYR D 484 4.71 7.14 25.70
N ALA D 485 4.22 5.90 25.69
CA ALA D 485 3.33 5.47 24.61
C ALA D 485 1.93 6.06 24.77
N LEU D 486 1.40 6.06 26.00
CA LEU D 486 0.05 6.57 26.24
C LEU D 486 -0.02 8.09 26.20
N LEU D 487 1.12 8.79 26.14
CA LEU D 487 1.11 10.24 26.15
C LEU D 487 0.45 10.81 24.89
N GLY D 488 0.67 10.18 23.73
CA GLY D 488 0.13 10.69 22.49
C GLY D 488 -1.38 10.77 22.45
N LYS D 489 -1.91 11.96 22.14
CA LYS D 489 -3.35 12.14 22.04
C LYS D 489 -3.93 11.31 20.90
N ASP D 490 -3.24 11.25 19.76
CA ASP D 490 -3.71 10.43 18.65
C ASP D 490 -3.73 8.96 19.03
N PHE D 491 -2.69 8.49 19.73
CA PHE D 491 -2.66 7.10 20.17
C PHE D 491 -3.74 6.82 21.21
N ARG D 492 -3.98 7.78 22.11
CA ARG D 492 -4.98 7.58 23.15
C ARG D 492 -6.37 7.39 22.54
N LYS D 493 -6.70 8.18 21.51
CA LYS D 493 -7.96 7.97 20.81
C LYS D 493 -8.00 6.61 20.14
N LYS D 494 -6.88 6.20 19.54
CA LYS D 494 -6.82 4.87 18.92
C LYS D 494 -6.98 3.76 19.95
N ALA D 495 -6.33 3.91 21.11
CA ALA D 495 -6.46 2.90 22.15
C ALA D 495 -7.87 2.83 22.70
N ARG D 496 -8.52 3.98 22.90
CA ARG D 496 -9.87 3.98 23.42
C ARG D 496 -10.85 3.35 22.44
N GLN D 497 -10.70 3.65 21.15
CA GLN D 497 -11.58 3.07 20.14
C GLN D 497 -11.38 1.57 20.04
N SER D 498 -10.13 1.11 20.12
CA SER D 498 -9.81 -0.31 20.02
C SER D 498 -9.98 -1.06 21.32
N ILE D 499 -10.31 -0.38 22.42
CA ILE D 499 -10.52 -1.02 23.70
C ILE D 499 -11.88 -1.70 23.73
N ALA E 7 -28.78 32.99 -28.31
CA ALA E 7 -27.83 31.97 -27.87
C ALA E 7 -28.50 30.97 -26.94
N SER E 8 -29.08 31.48 -25.85
CA SER E 8 -29.78 30.61 -24.89
C SER E 8 -31.03 29.98 -25.47
N ILE E 9 -31.61 30.57 -26.53
CA ILE E 9 -32.78 29.98 -27.17
C ILE E 9 -32.44 28.63 -27.77
N ALA E 10 -31.28 28.54 -28.42
CA ALA E 10 -30.84 27.25 -28.97
C ALA E 10 -30.63 26.22 -27.88
N GLN E 11 -30.05 26.63 -26.76
CA GLN E 11 -29.86 25.70 -25.64
C GLN E 11 -31.20 25.22 -25.09
N ALA E 12 -32.16 26.14 -24.95
CA ALA E 12 -33.48 25.74 -24.48
C ALA E 12 -34.16 24.78 -25.45
N ARG E 13 -34.03 25.04 -26.76
CA ARG E 13 -34.61 24.13 -27.75
C ARG E 13 -33.95 22.76 -27.69
N LYS E 14 -32.62 22.72 -27.52
CA LYS E 14 -31.93 21.44 -27.41
C LYS E 14 -32.37 20.68 -26.16
N LEU E 15 -32.53 21.39 -25.04
CA LEU E 15 -33.00 20.75 -23.82
C LEU E 15 -34.40 20.21 -24.00
N VAL E 16 -35.28 20.96 -24.67
CA VAL E 16 -36.64 20.50 -24.92
C VAL E 16 -36.63 19.25 -25.79
N GLU E 17 -35.79 19.26 -26.83
CA GLU E 17 -35.70 18.08 -27.71
C GLU E 17 -35.18 16.87 -26.95
N GLN E 18 -34.17 17.06 -26.11
CA GLN E 18 -33.65 15.95 -25.31
C GLN E 18 -34.71 15.42 -24.35
N LEU E 19 -35.47 16.30 -23.72
CA LEU E 19 -36.53 15.87 -22.83
C LEU E 19 -37.60 15.10 -23.58
N LYS E 20 -37.97 15.57 -24.77
CA LYS E 20 -38.95 14.84 -25.58
C LYS E 20 -38.44 13.46 -25.96
N MET E 21 -37.17 13.38 -26.37
CA MET E 21 -36.60 12.08 -26.73
C MET E 21 -36.57 11.14 -25.53
N GLU E 22 -36.23 11.64 -24.35
CA GLU E 22 -36.24 10.80 -23.15
C GLU E 22 -37.65 10.38 -22.78
N ALA E 23 -38.64 11.25 -23.02
CA ALA E 23 -40.02 10.91 -22.71
C ALA E 23 -40.62 9.91 -23.70
N ASN E 24 -40.11 9.89 -24.94
CA ASN E 24 -40.67 9.01 -25.96
C ASN E 24 -40.46 7.53 -25.66
N ILE E 25 -39.58 7.19 -24.73
CA ILE E 25 -39.28 5.78 -24.46
C ILE E 25 -40.47 5.11 -23.80
N ASP E 26 -40.76 3.89 -24.25
CA ASP E 26 -41.84 3.09 -23.66
C ASP E 26 -41.42 2.55 -22.30
N ARG E 27 -42.41 2.22 -21.48
CA ARG E 27 -42.18 1.76 -20.12
C ARG E 27 -43.11 0.60 -19.79
N ILE E 28 -42.71 -0.17 -18.78
CA ILE E 28 -43.49 -1.30 -18.29
C ILE E 28 -43.71 -1.11 -16.79
N LYS E 29 -44.58 -1.96 -16.23
CA LYS E 29 -44.85 -1.90 -14.81
C LYS E 29 -43.61 -2.26 -14.00
N VAL E 30 -43.45 -1.60 -12.85
CA VAL E 30 -42.30 -1.87 -11.98
C VAL E 30 -42.36 -3.27 -11.41
N SER E 31 -43.56 -3.82 -11.22
CA SER E 31 -43.69 -5.17 -10.71
C SER E 31 -43.00 -6.18 -11.61
N LYS E 32 -43.04 -5.95 -12.93
CA LYS E 32 -42.34 -6.85 -13.85
C LYS E 32 -40.84 -6.81 -13.61
N ALA E 33 -40.27 -5.62 -13.41
CA ALA E 33 -38.84 -5.52 -13.13
C ALA E 33 -38.48 -6.19 -11.82
N ALA E 34 -39.32 -5.99 -10.79
CA ALA E 34 -39.08 -6.65 -9.51
C ALA E 34 -39.12 -8.16 -9.64
N ALA E 35 -40.10 -8.69 -10.39
CA ALA E 35 -40.20 -10.12 -10.59
C ALA E 35 -39.01 -10.65 -11.37
N ASP E 36 -38.55 -9.89 -12.38
CA ASP E 36 -37.38 -10.31 -13.14
C ASP E 36 -36.14 -10.38 -12.25
N LEU E 37 -35.94 -9.37 -11.42
CA LEU E 37 -34.79 -9.38 -10.50
C LEU E 37 -34.88 -10.55 -9.52
N MET E 38 -36.08 -10.79 -8.98
CA MET E 38 -36.25 -11.90 -8.04
C MET E 38 -35.98 -13.24 -8.72
N ALA E 39 -36.48 -13.42 -9.95
CA ALA E 39 -36.25 -14.67 -10.67
C ALA E 39 -34.77 -14.85 -10.98
N TYR E 40 -34.09 -13.78 -11.38
CA TYR E 40 -32.65 -13.88 -11.65
C TYR E 40 -31.89 -14.26 -10.39
N CYS E 41 -32.25 -13.66 -9.25
CA CYS E 41 -31.55 -14.00 -8.01
C CYS E 41 -31.84 -15.44 -7.59
N GLU E 42 -33.09 -15.90 -7.77
CA GLU E 42 -33.43 -17.26 -7.39
C GLU E 42 -32.73 -18.29 -8.28
N ALA E 43 -32.61 -17.99 -9.58
CA ALA E 43 -32.02 -18.97 -10.50
C ALA E 43 -30.55 -19.21 -10.21
N HIS E 44 -29.81 -18.17 -9.79
CA HIS E 44 -28.37 -18.27 -9.57
C HIS E 44 -28.01 -18.29 -8.10
N ALA E 45 -28.96 -18.60 -7.22
CA ALA E 45 -28.67 -18.64 -5.79
C ALA E 45 -27.64 -19.72 -5.47
N LYS E 46 -27.77 -20.90 -6.07
CA LYS E 46 -26.84 -21.98 -5.80
C LYS E 46 -25.45 -21.70 -6.36
N GLU E 47 -25.33 -20.77 -7.31
CA GLU E 47 -24.05 -20.46 -7.93
C GLU E 47 -23.35 -19.29 -7.25
N ASP E 48 -23.88 -18.77 -6.15
CA ASP E 48 -23.29 -17.65 -5.46
C ASP E 48 -22.47 -18.14 -4.28
N PRO E 49 -21.14 -18.03 -4.31
CA PRO E 49 -20.32 -18.50 -3.19
C PRO E 49 -20.24 -17.52 -2.01
N LEU E 50 -21.02 -16.44 -2.00
CA LEU E 50 -20.98 -15.51 -0.88
C LEU E 50 -22.11 -15.76 0.11
N LEU E 51 -23.36 -15.81 -0.37
CA LEU E 51 -24.47 -16.01 0.55
C LEU E 51 -24.44 -17.39 1.19
N THR E 52 -24.01 -18.41 0.45
CA THR E 52 -23.69 -19.71 1.04
C THR E 52 -22.18 -19.84 1.09
N PRO E 53 -21.56 -19.91 2.27
CA PRO E 53 -20.10 -19.92 2.35
C PRO E 53 -19.50 -21.11 1.60
N VAL E 54 -18.39 -20.86 0.93
CA VAL E 54 -17.72 -21.91 0.15
C VAL E 54 -17.00 -22.85 1.11
N PRO E 55 -17.11 -24.17 0.93
CA PRO E 55 -16.34 -25.09 1.76
C PRO E 55 -14.85 -24.96 1.50
N ALA E 56 -14.06 -25.27 2.53
CA ALA E 56 -12.61 -25.17 2.41
C ALA E 56 -12.05 -26.09 1.33
N SER E 57 -12.78 -27.16 0.99
CA SER E 57 -12.35 -28.02 -0.11
C SER E 57 -12.38 -27.28 -1.44
N GLU E 58 -13.41 -26.48 -1.67
CA GLU E 58 -13.54 -25.71 -2.90
C GLU E 58 -13.05 -24.28 -2.77
N ASN E 59 -12.76 -23.82 -1.56
CA ASN E 59 -12.29 -22.44 -1.36
C ASN E 59 -10.86 -22.30 -1.85
N PRO E 60 -10.58 -21.42 -2.82
CA PRO E 60 -9.19 -21.25 -3.28
C PRO E 60 -8.32 -20.50 -2.30
N PHE E 61 -8.89 -19.78 -1.34
CA PHE E 61 -8.11 -19.02 -0.38
C PHE E 61 -7.83 -19.79 0.91
N ARG E 62 -8.33 -21.02 1.04
CA ARG E 62 -8.11 -21.81 2.24
C ARG E 62 -6.65 -22.23 2.35
N ASP F 1 14.70 -5.04 -32.60
CA ASP F 1 14.06 -6.30 -32.23
C ASP F 1 14.84 -7.00 -31.13
N VAL F 2 14.24 -8.04 -30.55
CA VAL F 2 14.90 -8.79 -29.49
C VAL F 2 16.04 -9.61 -30.09
N GLN F 3 17.23 -9.47 -29.51
CA GLN F 3 18.40 -10.18 -30.01
C GLN F 3 19.22 -10.70 -28.84
N LEU F 4 19.62 -11.97 -28.92
CA LEU F 4 20.49 -12.61 -27.94
C LEU F 4 21.67 -13.20 -28.69
N VAL F 5 22.69 -12.39 -28.92
CA VAL F 5 23.90 -12.82 -29.60
C VAL F 5 24.92 -13.23 -28.55
N GLU F 6 25.71 -14.25 -28.86
CA GLU F 6 26.71 -14.74 -27.93
C GLU F 6 27.92 -15.26 -28.69
N SER F 7 29.05 -15.32 -28.00
CA SER F 7 30.30 -15.78 -28.57
C SER F 7 31.16 -16.35 -27.46
N GLY F 8 32.43 -16.60 -27.77
CA GLY F 8 33.40 -17.12 -26.83
C GLY F 8 33.69 -18.59 -26.99
N GLY F 9 32.86 -19.32 -27.71
CA GLY F 9 33.08 -20.74 -27.91
C GLY F 9 34.13 -21.02 -28.98
N GLY F 10 34.52 -22.29 -29.07
CA GLY F 10 35.49 -22.71 -30.05
C GLY F 10 36.19 -23.98 -29.62
N LEU F 11 37.34 -24.22 -30.24
CA LEU F 11 38.17 -25.37 -29.93
C LEU F 11 39.18 -25.02 -28.85
N VAL F 12 39.31 -25.90 -27.86
CA VAL F 12 40.19 -25.67 -26.73
C VAL F 12 40.74 -27.01 -26.25
N GLN F 13 42.00 -27.01 -25.82
CA GLN F 13 42.62 -28.21 -25.29
C GLN F 13 41.95 -28.62 -23.98
N PRO F 14 41.88 -29.92 -23.69
CA PRO F 14 41.20 -30.37 -22.47
C PRO F 14 41.95 -29.93 -21.22
N GLY F 15 41.18 -29.77 -20.14
CA GLY F 15 41.73 -29.38 -18.86
C GLY F 15 41.93 -27.91 -18.65
N GLY F 16 41.57 -27.08 -19.62
CA GLY F 16 41.74 -25.64 -19.53
C GLY F 16 40.51 -24.93 -19.01
N SER F 17 40.38 -23.65 -19.38
CA SER F 17 39.26 -22.83 -18.97
C SER F 17 38.80 -21.98 -20.15
N ARG F 18 37.53 -21.61 -20.13
CA ARG F 18 36.95 -20.79 -21.19
C ARG F 18 35.76 -20.03 -20.61
N LYS F 19 35.49 -18.86 -21.20
CA LYS F 19 34.46 -17.94 -20.72
C LYS F 19 33.51 -17.62 -21.87
N LEU F 20 32.44 -18.41 -21.99
CA LEU F 20 31.42 -18.14 -23.00
C LEU F 20 30.45 -17.09 -22.45
N SER F 21 30.18 -16.07 -23.26
CA SER F 21 29.38 -14.92 -22.83
C SER F 21 28.20 -14.73 -23.76
N CYS F 22 27.09 -14.28 -23.19
CA CYS F 22 25.86 -14.02 -23.93
C CYS F 22 25.52 -12.54 -23.81
N SER F 23 25.27 -11.89 -24.94
CA SER F 23 24.95 -10.47 -24.99
C SER F 23 23.46 -10.30 -25.25
N ALA F 24 22.82 -9.44 -24.45
CA ALA F 24 21.38 -9.22 -24.52
C ALA F 24 21.09 -7.78 -24.90
N SER F 25 20.09 -7.60 -25.76
CA SER F 25 19.66 -6.27 -26.15
C SER F 25 18.21 -6.33 -26.60
N GLY F 26 17.55 -5.17 -26.58
CA GLY F 26 16.18 -5.08 -27.02
C GLY F 26 15.14 -5.44 -25.99
N PHE F 27 15.53 -5.72 -24.75
CA PHE F 27 14.58 -6.05 -23.71
C PHE F 27 15.19 -5.74 -22.36
N ALA F 28 14.33 -5.66 -21.34
CA ALA F 28 14.74 -5.36 -19.98
C ALA F 28 15.40 -6.60 -19.37
N PHE F 29 16.68 -6.79 -19.71
CA PHE F 29 17.40 -7.97 -19.26
C PHE F 29 17.54 -8.01 -17.74
N SER F 30 17.51 -6.84 -17.09
CA SER F 30 17.70 -6.78 -15.64
C SER F 30 16.58 -7.51 -14.89
N SER F 31 15.40 -7.66 -15.51
CA SER F 31 14.28 -8.35 -14.89
C SER F 31 14.10 -9.76 -15.44
N PHE F 32 15.05 -10.27 -16.21
CA PHE F 32 14.96 -11.58 -16.83
C PHE F 32 15.96 -12.53 -16.20
N GLY F 33 15.57 -13.79 -16.05
CA GLY F 33 16.46 -14.81 -15.53
C GLY F 33 17.01 -15.69 -16.63
N MET F 34 18.27 -15.51 -16.98
CA MET F 34 18.86 -16.22 -18.10
C MET F 34 19.28 -17.63 -17.69
N HIS F 35 18.98 -18.60 -18.54
CA HIS F 35 19.41 -19.98 -18.36
C HIS F 35 20.60 -20.26 -19.29
N TRP F 36 21.02 -21.53 -19.33
CA TRP F 36 22.00 -21.99 -20.29
C TRP F 36 21.67 -23.43 -20.65
N VAL F 37 21.41 -23.68 -21.93
CA VAL F 37 21.02 -25.00 -22.40
C VAL F 37 21.97 -25.42 -23.51
N ARG F 38 22.45 -26.66 -23.44
CA ARG F 38 23.39 -27.18 -24.42
C ARG F 38 22.83 -28.44 -25.06
N GLN F 39 23.31 -28.71 -26.27
CA GLN F 39 22.95 -29.90 -27.03
C GLN F 39 24.22 -30.53 -27.57
N ALA F 40 24.35 -31.85 -27.41
CA ALA F 40 25.49 -32.56 -27.95
C ALA F 40 25.45 -32.55 -29.47
N PRO F 41 26.60 -32.69 -30.13
CA PRO F 41 26.62 -32.63 -31.60
C PRO F 41 25.70 -33.65 -32.27
N GLU F 42 25.50 -34.82 -31.66
CA GLU F 42 24.65 -35.86 -32.22
C GLU F 42 23.72 -36.43 -31.17
N LYS F 43 23.10 -35.56 -30.38
CA LYS F 43 22.16 -35.98 -29.35
C LYS F 43 21.16 -34.85 -29.12
N GLY F 44 20.37 -34.99 -28.05
CA GLY F 44 19.36 -34.01 -27.72
C GLY F 44 19.88 -32.92 -26.81
N LEU F 45 18.96 -32.06 -26.39
CA LEU F 45 19.31 -30.95 -25.50
C LEU F 45 19.62 -31.47 -24.10
N GLU F 46 20.43 -30.71 -23.37
CA GLU F 46 20.79 -31.04 -22.00
C GLU F 46 20.92 -29.75 -21.21
N TRP F 47 20.10 -29.61 -20.17
CA TRP F 47 20.15 -28.42 -19.33
C TRP F 47 21.50 -28.32 -18.63
N VAL F 48 22.00 -27.09 -18.49
CA VAL F 48 23.34 -26.83 -17.97
C VAL F 48 23.29 -26.03 -16.68
N ALA F 49 22.78 -24.80 -16.74
CA ALA F 49 22.85 -23.90 -15.61
C ALA F 49 21.63 -22.98 -15.63
N TYR F 50 21.55 -22.11 -14.62
CA TYR F 50 20.44 -21.18 -14.48
C TYR F 50 20.82 -20.13 -13.45
N ILE F 51 20.55 -18.86 -13.79
CA ILE F 51 20.73 -17.75 -12.86
C ILE F 51 19.45 -16.92 -12.89
N SER F 52 18.97 -16.55 -11.70
CA SER F 52 17.74 -15.78 -11.60
C SER F 52 18.02 -14.29 -11.70
N SER F 53 16.95 -13.51 -11.80
CA SER F 53 17.07 -12.06 -11.85
C SER F 53 17.59 -11.55 -10.52
N GLY F 54 18.56 -10.65 -10.57
CA GLY F 54 19.20 -10.16 -9.37
C GLY F 54 20.19 -11.11 -8.74
N SER F 55 20.61 -12.15 -9.45
CA SER F 55 21.57 -13.13 -8.96
C SER F 55 21.12 -13.78 -7.66
N GLY F 56 19.81 -14.01 -7.52
CA GLY F 56 19.27 -14.59 -6.31
C GLY F 56 19.63 -16.04 -6.10
N THR F 57 19.11 -16.92 -6.95
CA THR F 57 19.33 -18.36 -6.83
C THR F 57 20.01 -18.87 -8.09
N ILE F 58 21.07 -19.66 -7.90
CA ILE F 58 21.84 -20.22 -9.00
C ILE F 58 21.88 -21.73 -8.85
N TYR F 59 21.62 -22.44 -9.94
CA TYR F 59 21.62 -23.90 -9.95
C TYR F 59 22.61 -24.41 -10.99
N TYR F 60 22.90 -25.70 -10.91
CA TYR F 60 23.73 -26.38 -11.89
C TYR F 60 23.26 -27.82 -12.02
N ALA F 61 23.64 -28.46 -13.12
CA ALA F 61 23.28 -29.84 -13.36
C ALA F 61 24.20 -30.78 -12.57
N ASP F 62 23.82 -32.06 -12.54
CA ASP F 62 24.58 -33.04 -11.78
C ASP F 62 25.99 -33.20 -12.34
N THR F 63 26.13 -33.24 -13.66
CA THR F 63 27.43 -33.34 -14.31
C THR F 63 28.06 -31.98 -14.59
N VAL F 64 27.61 -30.93 -13.90
CA VAL F 64 28.00 -29.56 -14.18
C VAL F 64 28.61 -28.89 -12.95
N LYS F 65 27.97 -29.07 -11.79
CA LYS F 65 28.37 -28.33 -10.59
C LYS F 65 29.82 -28.57 -10.24
N GLY F 66 30.53 -27.49 -9.89
CA GLY F 66 31.92 -27.59 -9.49
C GLY F 66 32.87 -26.92 -10.45
N ARG F 67 32.59 -27.02 -11.76
CA ARG F 67 33.45 -26.46 -12.78
C ARG F 67 32.81 -25.33 -13.56
N PHE F 68 31.54 -25.05 -13.35
CA PHE F 68 30.81 -24.00 -14.06
C PHE F 68 30.41 -22.90 -13.09
N THR F 69 30.62 -21.65 -13.50
CA THR F 69 30.20 -20.49 -12.73
C THR F 69 29.45 -19.54 -13.65
N ILE F 70 28.25 -19.15 -13.24
CA ILE F 70 27.38 -18.28 -14.03
C ILE F 70 27.22 -16.96 -13.29
N SER F 71 27.46 -15.85 -14.00
CA SER F 71 27.31 -14.52 -13.42
C SER F 71 26.39 -13.65 -14.27
N LYS F 76 26.56 -3.18 -19.40
CA LYS F 76 25.78 -4.22 -18.75
C LYS F 76 25.05 -5.09 -19.77
N ASN F 77 23.99 -5.77 -19.32
CA ASN F 77 23.18 -6.64 -20.16
C ASN F 77 24.04 -7.73 -20.81
N THR F 78 24.64 -8.56 -19.96
CA THR F 78 25.51 -9.64 -20.42
C THR F 78 25.48 -10.77 -19.41
N LEU F 79 25.24 -11.99 -19.89
CA LEU F 79 25.25 -13.17 -19.05
C LEU F 79 26.53 -13.97 -19.31
N PHE F 80 27.25 -14.29 -18.24
CA PHE F 80 28.51 -14.99 -18.32
C PHE F 80 28.37 -16.41 -17.78
N LEU F 81 29.04 -17.35 -18.45
CA LEU F 81 29.19 -18.71 -17.96
C LEU F 81 30.69 -19.00 -17.92
N GLN F 82 31.33 -18.63 -16.82
CA GLN F 82 32.76 -18.88 -16.67
C GLN F 82 32.98 -20.35 -16.38
N MET F 83 33.85 -20.98 -17.17
CA MET F 83 33.98 -22.43 -17.20
C MET F 83 35.44 -22.83 -17.07
N THR F 84 35.70 -23.89 -16.32
CA THR F 84 37.06 -24.33 -16.04
C THR F 84 37.09 -25.85 -15.98
N SER F 85 38.30 -26.39 -16.08
CA SER F 85 38.54 -27.84 -16.04
C SER F 85 37.72 -28.55 -17.12
N LEU F 86 38.04 -28.22 -18.37
CA LEU F 86 37.27 -28.71 -19.50
C LEU F 86 37.71 -30.12 -19.88
N ARG F 87 36.76 -31.03 -19.94
CA ARG F 87 36.99 -32.41 -20.35
C ARG F 87 36.38 -32.65 -21.72
N SER F 88 36.74 -33.80 -22.32
CA SER F 88 36.28 -34.12 -23.66
C SER F 88 34.76 -34.34 -23.72
N GLU F 89 34.11 -34.61 -22.59
CA GLU F 89 32.67 -34.80 -22.58
C GLU F 89 31.90 -33.48 -22.61
N ASP F 90 32.59 -32.35 -22.40
CA ASP F 90 31.92 -31.07 -22.34
C ASP F 90 31.59 -30.50 -23.72
N THR F 91 32.12 -31.08 -24.79
CA THR F 91 31.91 -30.52 -26.12
C THR F 91 30.45 -30.63 -26.53
N ALA F 92 29.87 -29.49 -26.91
CA ALA F 92 28.46 -29.39 -27.29
C ALA F 92 28.26 -27.98 -27.85
N MET F 93 27.00 -27.65 -28.17
CA MET F 93 26.62 -26.31 -28.56
C MET F 93 25.75 -25.72 -27.47
N TYR F 94 26.16 -24.56 -26.95
CA TYR F 94 25.49 -23.92 -25.82
C TYR F 94 24.57 -22.82 -26.31
N TYR F 95 23.35 -22.80 -25.79
CA TYR F 95 22.34 -21.82 -26.17
C TYR F 95 22.05 -20.90 -24.99
N CYS F 96 21.94 -19.60 -25.28
CA CYS F 96 21.57 -18.61 -24.27
C CYS F 96 20.06 -18.44 -24.29
N VAL F 97 19.42 -18.70 -23.17
CA VAL F 97 17.96 -18.69 -23.08
C VAL F 97 17.54 -17.75 -21.96
N ARG F 98 16.49 -16.97 -22.22
CA ARG F 98 15.91 -16.07 -21.24
C ARG F 98 14.59 -16.66 -20.74
N SER F 99 14.16 -16.17 -19.57
CA SER F 99 12.90 -16.61 -18.99
C SER F 99 12.54 -15.70 -17.82
N ILE F 100 11.25 -15.40 -17.68
CA ILE F 100 10.73 -14.65 -16.56
C ILE F 100 9.60 -15.46 -15.93
N TYR F 101 9.54 -15.45 -14.61
CA TYR F 101 8.58 -16.27 -13.87
C TYR F 101 7.61 -15.37 -13.12
N TYR F 102 6.36 -15.36 -13.57
CA TYR F 102 5.25 -14.79 -12.82
C TYR F 102 3.99 -15.50 -13.30
N TYR F 103 2.84 -15.10 -12.75
CA TYR F 103 1.60 -15.77 -13.10
C TYR F 103 1.30 -15.56 -14.58
N GLY F 104 1.18 -16.66 -15.33
CA GLY F 104 0.88 -16.59 -16.73
C GLY F 104 2.06 -16.22 -17.61
N SER F 105 3.29 -16.37 -17.12
CA SER F 105 4.47 -16.01 -17.89
C SER F 105 4.79 -17.10 -18.91
N SER F 106 5.81 -16.84 -19.72
CA SER F 106 6.23 -17.75 -20.79
C SER F 106 7.73 -18.01 -20.65
N PRO F 107 8.11 -18.91 -19.76
CA PRO F 107 9.54 -19.24 -19.61
C PRO F 107 10.08 -19.90 -20.88
N PHE F 108 11.37 -19.68 -21.12
CA PHE F 108 12.07 -20.25 -22.28
C PHE F 108 11.45 -19.81 -23.59
N ASP F 109 11.03 -18.55 -23.66
CA ASP F 109 10.32 -18.04 -24.83
C ASP F 109 11.25 -17.51 -25.91
N PHE F 110 12.55 -17.48 -25.68
CA PHE F 110 13.48 -17.02 -26.69
C PHE F 110 14.82 -17.72 -26.50
N TRP F 111 15.47 -18.04 -27.63
CA TRP F 111 16.74 -18.76 -27.63
C TRP F 111 17.75 -18.01 -28.47
N GLY F 112 18.99 -17.94 -28.00
CA GLY F 112 20.04 -17.29 -28.75
C GLY F 112 20.50 -18.12 -29.92
N GLN F 113 21.35 -17.51 -30.75
CA GLN F 113 21.84 -18.19 -31.94
C GLN F 113 22.78 -19.34 -31.61
N GLY F 114 23.34 -19.37 -30.39
CA GLY F 114 24.18 -20.48 -29.98
C GLY F 114 25.64 -20.26 -30.32
N THR F 115 26.49 -21.03 -29.66
CA THR F 115 27.92 -21.01 -29.89
C THR F 115 28.44 -22.44 -29.99
N THR F 116 29.52 -22.61 -30.74
CA THR F 116 30.10 -23.92 -30.99
C THR F 116 31.35 -24.09 -30.14
N LEU F 117 31.39 -25.18 -29.36
CA LEU F 117 32.53 -25.49 -28.51
C LEU F 117 32.95 -26.92 -28.77
N THR F 118 34.24 -27.12 -28.99
CA THR F 118 34.80 -28.44 -29.26
C THR F 118 36.02 -28.67 -28.38
N VAL F 119 36.21 -29.93 -27.97
CA VAL F 119 37.31 -30.34 -27.12
C VAL F 119 38.14 -31.35 -27.90
N SER F 120 39.44 -31.07 -28.05
CA SER F 120 40.33 -31.97 -28.78
C SER F 120 40.60 -33.24 -27.98
N GLY F 135 20.90 -39.01 -10.33
CA GLY F 135 20.37 -39.79 -9.24
C GLY F 135 18.86 -39.88 -9.23
N SER F 136 18.22 -39.00 -8.46
CA SER F 136 16.76 -38.95 -8.35
C SER F 136 16.13 -37.97 -9.33
N ASP F 137 16.79 -37.70 -10.45
CA ASP F 137 16.26 -36.75 -11.42
C ASP F 137 15.06 -37.35 -12.15
N ILE F 138 14.22 -36.45 -12.68
CA ILE F 138 13.00 -36.87 -13.40
C ILE F 138 13.42 -37.14 -14.83
N VAL F 139 13.69 -38.41 -15.14
CA VAL F 139 14.11 -38.80 -16.47
C VAL F 139 12.93 -38.75 -17.42
N MET F 140 13.16 -38.24 -18.63
CA MET F 140 12.15 -38.12 -19.66
C MET F 140 12.61 -38.88 -20.90
N THR F 141 11.71 -39.68 -21.48
CA THR F 141 12.02 -40.43 -22.69
C THR F 141 10.86 -40.31 -23.66
N GLN F 142 11.17 -40.48 -24.95
CA GLN F 142 10.19 -40.39 -26.02
C GLN F 142 10.11 -41.72 -26.75
N ALA F 143 8.87 -42.11 -27.08
CA ALA F 143 8.64 -43.44 -27.64
C ALA F 143 9.31 -43.61 -29.00
N THR F 144 9.22 -42.58 -29.86
CA THR F 144 9.71 -42.67 -31.23
C THR F 144 10.75 -41.57 -31.47
N SER F 145 11.81 -41.94 -32.18
CA SER F 145 12.87 -41.00 -32.54
C SER F 145 12.87 -40.67 -34.04
N SER F 146 11.87 -41.15 -34.78
CA SER F 146 11.79 -40.87 -36.21
C SER F 146 10.36 -41.12 -36.68
N VAL F 147 9.73 -40.12 -37.25
CA VAL F 147 8.36 -40.24 -37.77
C VAL F 147 8.30 -39.61 -39.17
N PRO F 148 8.35 -40.41 -40.23
CA PRO F 148 8.16 -39.84 -41.57
C PRO F 148 6.76 -39.28 -41.73
N VAL F 149 6.65 -38.21 -42.52
CA VAL F 149 5.38 -37.50 -42.67
C VAL F 149 5.40 -36.75 -43.99
N THR F 150 4.21 -36.46 -44.51
CA THR F 150 4.01 -35.71 -45.74
C THR F 150 3.22 -34.44 -45.46
N PRO F 151 3.45 -33.37 -46.22
CA PRO F 151 2.72 -32.12 -45.98
C PRO F 151 1.22 -32.31 -46.18
N GLY F 152 0.45 -31.58 -45.36
CA GLY F 152 -1.00 -31.65 -45.41
C GLY F 152 -1.61 -32.72 -44.54
N GLU F 153 -0.81 -33.57 -43.91
CA GLU F 153 -1.30 -34.64 -43.05
C GLU F 153 -0.90 -34.37 -41.61
N SER F 154 -1.83 -34.62 -40.68
CA SER F 154 -1.56 -34.38 -39.27
C SER F 154 -0.48 -35.32 -38.76
N VAL F 155 0.31 -34.83 -37.82
CA VAL F 155 1.38 -35.60 -37.19
C VAL F 155 1.20 -35.55 -35.68
N SER F 156 2.05 -36.29 -34.98
CA SER F 156 1.97 -36.34 -33.53
C SER F 156 3.32 -36.77 -32.97
N ILE F 157 3.73 -36.14 -31.87
CA ILE F 157 4.94 -36.51 -31.14
C ILE F 157 4.54 -36.84 -29.72
N SER F 158 5.27 -37.79 -29.12
CA SER F 158 4.94 -38.29 -27.80
C SER F 158 6.14 -38.15 -26.87
N CYS F 159 5.83 -38.01 -25.58
CA CYS F 159 6.85 -37.86 -24.55
C CYS F 159 6.27 -38.35 -23.23
N ARG F 160 7.07 -39.10 -22.47
CA ARG F 160 6.64 -39.64 -21.19
C ARG F 160 7.74 -39.42 -20.16
N SER F 161 7.31 -39.39 -18.89
CA SER F 161 8.19 -39.09 -17.76
C SER F 161 8.30 -40.31 -16.84
N SER F 162 9.02 -40.11 -15.74
CA SER F 162 9.11 -41.10 -14.67
C SER F 162 8.30 -40.72 -13.44
N LYS F 163 7.73 -39.51 -13.40
CA LYS F 163 6.90 -39.08 -12.30
C LYS F 163 5.80 -38.18 -12.85
N SER F 164 4.73 -38.05 -12.08
CA SER F 164 3.63 -37.19 -12.49
C SER F 164 4.05 -35.73 -12.43
N LEU F 165 3.79 -34.99 -13.52
CA LEU F 165 4.11 -33.58 -13.58
C LEU F 165 3.01 -32.70 -13.02
N LEU F 166 1.82 -33.24 -12.75
CA LEU F 166 0.71 -32.44 -12.26
C LEU F 166 0.94 -32.04 -10.81
N HIS F 167 1.38 -30.80 -10.60
CA HIS F 167 1.57 -30.29 -9.25
C HIS F 167 0.23 -30.07 -8.56
N SER F 168 0.29 -29.68 -7.28
CA SER F 168 -0.92 -29.49 -6.50
C SER F 168 -1.79 -28.38 -7.07
N ASN F 169 -1.19 -27.28 -7.51
CA ASN F 169 -1.96 -26.15 -8.03
C ASN F 169 -2.58 -26.43 -9.39
N GLY F 170 -2.18 -27.50 -10.07
CA GLY F 170 -2.76 -27.88 -11.34
C GLY F 170 -1.97 -27.51 -12.57
N ASN F 171 -0.78 -26.92 -12.41
CA ASN F 171 0.04 -26.51 -13.53
C ASN F 171 1.04 -27.62 -13.84
N THR F 172 0.82 -28.32 -14.95
CA THR F 172 1.71 -29.40 -15.38
C THR F 172 2.89 -28.77 -16.11
N TYR F 173 4.04 -28.73 -15.45
CA TYR F 173 5.22 -28.05 -16.00
C TYR F 173 5.90 -28.89 -17.07
N LEU F 174 5.19 -29.08 -18.18
CA LEU F 174 5.70 -29.78 -19.35
C LEU F 174 5.80 -28.79 -20.49
N TYR F 175 6.99 -28.67 -21.09
CA TYR F 175 7.24 -27.72 -22.15
C TYR F 175 7.60 -28.46 -23.43
N TRP F 176 7.23 -27.88 -24.56
CA TRP F 176 7.50 -28.43 -25.87
C TRP F 176 8.34 -27.46 -26.69
N PHE F 177 9.35 -27.98 -27.37
CA PHE F 177 10.26 -27.15 -28.14
C PHE F 177 10.43 -27.73 -29.53
N LEU F 178 10.59 -26.84 -30.52
CA LEU F 178 10.79 -27.22 -31.91
C LEU F 178 12.12 -26.68 -32.37
N GLN F 179 12.93 -27.52 -33.01
CA GLN F 179 14.24 -27.12 -33.52
C GLN F 179 14.29 -27.43 -35.00
N ARG F 180 14.05 -26.41 -35.83
CA ARG F 180 14.23 -26.56 -37.26
C ARG F 180 15.71 -26.75 -37.58
N PRO F 181 16.05 -27.52 -38.61
CA PRO F 181 17.46 -27.73 -38.94
C PRO F 181 18.17 -26.43 -39.24
N GLY F 182 19.38 -26.30 -38.72
CA GLY F 182 20.17 -25.09 -38.92
C GLY F 182 19.57 -23.85 -38.30
N GLN F 183 18.95 -23.96 -37.13
CA GLN F 183 18.36 -22.80 -36.48
C GLN F 183 18.24 -23.08 -34.98
N SER F 184 18.10 -22.00 -34.21
CA SER F 184 17.90 -22.13 -32.78
C SER F 184 16.49 -22.63 -32.48
N PRO F 185 16.32 -23.38 -31.40
CA PRO F 185 14.98 -23.88 -31.05
C PRO F 185 14.03 -22.75 -30.70
N GLN F 186 12.76 -22.96 -31.02
CA GLN F 186 11.70 -22.01 -30.72
C GLN F 186 10.61 -22.70 -29.93
N LEU F 187 10.09 -22.03 -28.91
CA LEU F 187 9.06 -22.63 -28.07
C LEU F 187 7.76 -22.77 -28.86
N LEU F 188 7.05 -23.87 -28.62
CA LEU F 188 5.76 -24.11 -29.25
C LEU F 188 4.62 -24.26 -28.26
N ILE F 189 4.82 -25.01 -27.17
CA ILE F 189 3.82 -25.20 -26.13
C ILE F 189 4.51 -25.08 -24.78
N TYR F 190 3.94 -24.28 -23.89
CA TYR F 190 4.46 -24.13 -22.53
C TYR F 190 3.37 -24.47 -21.53
N ARG F 191 3.76 -25.15 -20.45
CA ARG F 191 2.86 -25.67 -19.43
C ARG F 191 1.86 -26.67 -20.00
N MET F 192 2.24 -27.33 -21.09
CA MET F 192 1.57 -28.51 -21.63
C MET F 192 0.17 -28.22 -22.17
N SER F 193 -0.31 -27.00 -22.02
CA SER F 193 -1.62 -26.64 -22.57
C SER F 193 -1.66 -25.29 -23.28
N ASN F 194 -0.74 -24.37 -22.98
CA ASN F 194 -0.76 -23.04 -23.57
C ASN F 194 0.16 -22.98 -24.78
N LEU F 195 -0.08 -21.98 -25.62
CA LEU F 195 0.67 -21.81 -26.86
C LEU F 195 1.29 -20.42 -26.86
N ALA F 196 2.55 -20.35 -27.27
CA ALA F 196 3.31 -19.09 -27.19
C ALA F 196 2.80 -18.09 -28.22
N SER F 197 3.44 -16.93 -28.22
CA SER F 197 3.09 -15.85 -29.15
C SER F 197 3.92 -15.97 -30.42
N GLY F 198 3.23 -15.82 -31.57
CA GLY F 198 3.86 -15.91 -32.86
C GLY F 198 3.78 -17.28 -33.51
N VAL F 199 3.42 -18.31 -32.75
CA VAL F 199 3.29 -19.67 -33.27
C VAL F 199 1.88 -19.84 -33.82
N PRO F 200 1.72 -20.34 -35.05
CA PRO F 200 0.38 -20.50 -35.61
C PRO F 200 -0.43 -21.51 -34.80
N ASP F 201 -1.76 -21.33 -34.85
CA ASP F 201 -2.68 -22.12 -34.04
C ASP F 201 -2.78 -23.58 -34.46
N ARG F 202 -1.98 -24.01 -35.44
CA ARG F 202 -2.00 -25.43 -35.82
C ARG F 202 -1.49 -26.31 -34.70
N PHE F 203 -0.46 -25.85 -33.98
CA PHE F 203 0.13 -26.65 -32.92
C PHE F 203 -0.83 -26.79 -31.74
N SER F 204 -0.61 -27.85 -30.96
CA SER F 204 -1.39 -28.09 -29.76
C SER F 204 -0.64 -29.04 -28.86
N GLY F 205 -0.94 -28.97 -27.56
CA GLY F 205 -0.35 -29.85 -26.59
C GLY F 205 -1.33 -30.28 -25.52
N SER F 206 -1.29 -31.56 -25.14
CA SER F 206 -2.24 -32.08 -24.17
C SER F 206 -1.62 -33.29 -23.48
N GLY F 207 -2.22 -33.69 -22.37
CA GLY F 207 -1.76 -34.83 -21.62
C GLY F 207 -2.41 -34.88 -20.27
N SER F 208 -1.98 -35.85 -19.46
CA SER F 208 -2.53 -36.02 -18.12
C SER F 208 -1.48 -36.71 -17.25
N GLY F 209 -0.79 -35.92 -16.43
CA GLY F 209 0.11 -36.47 -15.43
C GLY F 209 1.46 -36.94 -15.97
N THR F 210 1.46 -38.04 -16.72
CA THR F 210 2.71 -38.67 -17.14
C THR F 210 2.86 -38.85 -18.65
N ALA F 211 1.78 -38.80 -19.42
CA ALA F 211 1.84 -38.97 -20.86
C ALA F 211 1.51 -37.64 -21.54
N PHE F 212 2.38 -37.21 -22.44
CA PHE F 212 2.22 -35.95 -23.16
C PHE F 212 2.26 -36.21 -24.65
N THR F 213 1.37 -35.53 -25.39
CA THR F 213 1.29 -35.66 -26.83
C THR F 213 1.20 -34.27 -27.45
N LEU F 214 2.08 -34.01 -28.42
CA LEU F 214 2.07 -32.75 -29.17
C LEU F 214 1.37 -33.01 -30.50
N THR F 215 0.27 -32.30 -30.74
CA THR F 215 -0.58 -32.51 -31.90
C THR F 215 -0.39 -31.37 -32.90
N ILE F 216 -0.20 -31.72 -34.16
CA ILE F 216 -0.08 -30.75 -35.25
C ILE F 216 -1.13 -31.07 -36.29
N SER F 217 -1.99 -30.10 -36.60
CA SER F 217 -3.03 -30.26 -37.60
C SER F 217 -2.66 -29.47 -38.85
N ARG F 218 -2.89 -30.07 -40.02
CA ARG F 218 -2.56 -29.47 -41.31
C ARG F 218 -1.09 -29.08 -41.36
N LEU F 219 -0.23 -30.09 -41.25
CA LEU F 219 1.21 -29.88 -41.19
C LEU F 219 1.76 -29.23 -42.46
N GLU F 220 2.22 -27.99 -42.33
CA GLU F 220 2.87 -27.32 -43.44
C GLU F 220 4.32 -27.80 -43.57
N ALA F 221 4.90 -27.54 -44.74
CA ALA F 221 6.28 -27.95 -44.99
C ALA F 221 7.25 -27.23 -44.07
N GLU F 222 7.02 -25.95 -43.82
CA GLU F 222 7.94 -25.16 -43.00
C GLU F 222 7.99 -25.63 -41.55
N ASP F 223 7.00 -26.41 -41.11
CA ASP F 223 6.97 -26.92 -39.74
C ASP F 223 7.74 -28.22 -39.57
N VAL F 224 8.70 -28.51 -40.44
CA VAL F 224 9.50 -29.72 -40.33
C VAL F 224 10.66 -29.46 -39.39
N GLY F 225 11.05 -30.48 -38.65
CA GLY F 225 12.15 -30.37 -37.71
C GLY F 225 11.98 -31.35 -36.57
N VAL F 226 12.99 -31.35 -35.70
CA VAL F 226 13.01 -32.25 -34.54
C VAL F 226 12.31 -31.56 -33.38
N TYR F 227 11.56 -32.34 -32.60
CA TYR F 227 10.78 -31.84 -31.48
C TYR F 227 11.39 -32.33 -30.18
N TYR F 228 11.57 -31.40 -29.23
CA TYR F 228 12.17 -31.72 -27.95
C TYR F 228 11.15 -31.55 -26.83
N CYS F 229 11.28 -32.37 -25.79
CA CYS F 229 10.36 -32.41 -24.68
C CYS F 229 11.10 -32.05 -23.40
N MET F 230 10.55 -31.10 -22.64
CA MET F 230 11.17 -30.63 -21.41
C MET F 230 10.14 -30.52 -20.30
N GLN F 231 10.61 -30.67 -19.06
CA GLN F 231 9.81 -30.42 -17.87
C GLN F 231 10.47 -29.35 -17.04
N HIS F 232 9.70 -28.75 -16.13
CA HIS F 232 10.24 -27.70 -15.27
C HIS F 232 9.76 -27.85 -13.83
N LEU F 233 9.48 -29.08 -13.41
CA LEU F 233 8.97 -29.29 -12.05
C LEU F 233 10.08 -29.20 -11.02
N GLU F 234 11.29 -29.61 -11.36
CA GLU F 234 12.41 -29.54 -10.43
C GLU F 234 13.71 -29.58 -11.22
N TYR F 235 14.78 -29.16 -10.56
CA TYR F 235 16.08 -29.14 -11.21
C TYR F 235 16.86 -30.43 -10.90
N PRO F 236 17.67 -30.91 -11.85
CA PRO F 236 17.95 -30.36 -13.18
C PRO F 236 16.80 -30.61 -14.16
N LEU F 237 16.71 -29.81 -15.21
CA LEU F 237 15.64 -29.92 -16.19
C LEU F 237 16.10 -30.86 -17.30
N THR F 238 15.93 -32.15 -17.05
CA THR F 238 16.34 -33.16 -18.02
C THR F 238 15.43 -33.12 -19.23
N PHE F 239 16.04 -33.09 -20.42
CA PHE F 239 15.27 -33.06 -21.67
C PHE F 239 14.88 -34.46 -22.07
N GLY F 240 14.34 -34.60 -23.29
CA GLY F 240 14.04 -35.88 -23.87
C GLY F 240 15.00 -36.23 -24.99
N ALA F 241 14.77 -37.40 -25.58
CA ALA F 241 15.63 -37.86 -26.68
C ALA F 241 15.37 -37.09 -27.98
N GLY F 242 14.20 -36.49 -28.12
CA GLY F 242 13.89 -35.73 -29.31
C GLY F 242 13.36 -36.59 -30.44
N THR F 243 12.22 -36.19 -31.01
CA THR F 243 11.60 -36.89 -32.12
C THR F 243 11.83 -36.10 -33.41
N LYS F 244 12.45 -36.75 -34.39
CA LYS F 244 12.83 -36.09 -35.64
C LYS F 244 11.70 -36.32 -36.66
N LEU F 245 10.71 -35.43 -36.63
CA LEU F 245 9.66 -35.44 -37.64
C LEU F 245 10.26 -34.96 -38.96
N GLU F 246 10.60 -35.89 -39.83
CA GLU F 246 11.30 -35.60 -41.06
C GLU F 246 10.38 -35.75 -42.27
N LEU F 247 10.66 -34.97 -43.31
CA LEU F 247 9.85 -35.02 -44.52
C LEU F 247 10.03 -36.34 -45.25
#